data_7PT2
#
_entry.id   7PT2
#
_cell.length_a   103.674
_cell.length_b   145.481
_cell.length_c   174.198
_cell.angle_alpha   90.000
_cell.angle_beta   90.000
_cell.angle_gamma   90.000
#
_symmetry.space_group_name_H-M   'C 2 2 21'
#
loop_
_entity.id
_entity.type
_entity.pdbx_description
1 polymer '2-hydroxyacyl-CoA lyase'
2 non-polymer '2-{4-[(4-AMINO-2-METHYLPYRIMIDIN-5-YL)METHYL]-3-METHYLTHIOPHEN-2-YL}ETHYL TRIHYDROGEN DIPHOSPHATE'
3 non-polymer 'S-{(3R,5R,9R)-1-[(2R,3S,4R,5R)-5-(6-amino-9H-purin-9-yl)-4-hydroxy-3-(phosphonooxy)tetrahydrofuran-2-yl]-3,5,9-trihydroxy-8,8-dimethyl-3,5-dioxido-10,14-dioxo-2,4,6-trioxa-11,15-diaza-3lambda~5~,5lambda~5~-diphosphaheptadecan-17-yl} 2-hydroxy-2-methylpropanethioate'
4 non-polymer 'MAGNESIUM ION'
5 water water
#
_entity_poly.entity_id   1
_entity_poly.type   'polypeptide(L)'
_entity_poly.pdbx_seq_one_letter_code
;MASHHHHHHSGMADRQDAERSGAGPARQSVPVASLVAEFLQEHGVDRVFGLQGGHIQPIWDQLARRGVRIVDVRDEGSAV
HMAHAHTELTGQTAVAMVTAGPGVTNTVTAVANASVSRIPLLVIGGCPPIPQSNMGPLQDIPHTAILEPITRLARTLRSA
DQVLREFDEAWARASGDRGEPGPVYLEIPTDVLRRDVPPALQMREHLRAKPKRRPQPHPDDVAAVADLIRAAEKPAIISG
RGARTTDGTDLVRLLDASGAAYLDTQESRGLVPDSHPAAVGSARSAVMRDTDLLITVGRQLDYQLGMGSPAVFPHAKVVR
IADTASELIDNRRGEVEILAEPGAALAAIADALKDHTPDTSWRDELKAKHRKRAEDYRQALHSTENGADGHIHPNRIFGA
LDALDGDVLDLGETIMIADGGDLLSFGRLGITKARRYLDAGAFGCLGVATPFAIGAALAYPDRPVVAVTGDGAFGITATE
IDTAVRHDAKIVVIVSNNRAWNIQRYDQAENYGLVVGTDLADSDYAGVARAFGAHGERVTDPAELEGAIRRALANAPALV
DVVTTQDAASPDSGKGLGFVPDYQALTPWNDAEVARRQEGIGSAWSHPQFEK
;
_entity_poly.pdbx_strand_id   A,B
#
loop_
_chem_comp.id
_chem_comp.type
_chem_comp.name
_chem_comp.formula
3KK non-polymer 'S-{(3R,5R,9R)-1-[(2R,3S,4R,5R)-5-(6-amino-9H-purin-9-yl)-4-hydroxy-3-(phosphonooxy)tetrahydrofuran-2-yl]-3,5,9-trihydroxy-8,8-dimethyl-3,5-dioxido-10,14-dioxo-2,4,6-trioxa-11,15-diaza-3lambda~5~,5lambda~5~-diphosphaheptadecan-17-yl} 2-hydroxy-2-methylpropanethioate' 'C25 H42 N7 O18 P3 S'
MG non-polymer 'MAGNESIUM ION' 'Mg 2'
TPW non-polymer '2-{4-[(4-AMINO-2-METHYLPYRIMIDIN-5-YL)METHYL]-3-METHYLTHIOPHEN-2-YL}ETHYL TRIHYDROGEN DIPHOSPHATE' 'C13 H19 N3 O7 P2 S'
#
# COMPACT_ATOMS: atom_id res chain seq x y z
N ALA A 26 -15.89 -4.18 -40.42
CA ALA A 26 -15.99 -5.68 -40.34
C ALA A 26 -14.94 -6.13 -39.32
N ARG A 27 -15.38 -6.30 -38.09
CA ARG A 27 -14.60 -6.89 -36.99
C ARG A 27 -13.78 -8.11 -37.46
N GLN A 28 -12.60 -8.38 -36.89
CA GLN A 28 -11.94 -9.69 -37.04
C GLN A 28 -11.77 -10.38 -35.69
N SER A 29 -11.39 -11.65 -35.75
CA SER A 29 -10.93 -12.44 -34.58
C SER A 29 -9.65 -11.78 -34.03
N VAL A 30 -9.62 -11.32 -32.78
CA VAL A 30 -8.43 -10.67 -32.15
C VAL A 30 -8.34 -11.17 -30.71
N PRO A 31 -7.19 -11.05 -30.04
CA PRO A 31 -7.08 -11.48 -28.65
C PRO A 31 -7.92 -10.60 -27.71
N VAL A 32 -8.32 -11.18 -26.60
CA VAL A 32 -9.01 -10.43 -25.49
C VAL A 32 -8.21 -9.14 -25.20
N ALA A 33 -6.88 -9.19 -25.10
CA ALA A 33 -6.04 -8.01 -24.75
C ALA A 33 -6.32 -6.84 -25.70
N SER A 34 -6.50 -7.09 -27.03
CA SER A 34 -6.80 -6.03 -28.04
C SER A 34 -8.18 -5.46 -27.78
N LEU A 35 -9.16 -6.33 -27.53
CA LEU A 35 -10.56 -5.91 -27.31
C LEU A 35 -10.63 -5.05 -26.06
N VAL A 36 -9.89 -5.40 -25.00
CA VAL A 36 -9.89 -4.63 -23.74
C VAL A 36 -9.34 -3.22 -24.05
N ALA A 37 -8.20 -3.09 -24.77
CA ALA A 37 -7.61 -1.76 -25.13
C ALA A 37 -8.63 -0.92 -25.91
N GLU A 38 -9.36 -1.57 -26.82
CA GLU A 38 -10.35 -0.91 -27.69
C GLU A 38 -11.57 -0.48 -26.88
N PHE A 39 -12.08 -1.35 -26.01
CA PHE A 39 -13.19 -1.03 -25.07
C PHE A 39 -12.83 0.26 -24.35
N LEU A 40 -11.60 0.34 -23.84
CA LEU A 40 -11.26 1.51 -22.97
C LEU A 40 -11.26 2.78 -23.83
N GLN A 41 -10.57 2.74 -24.97
CA GLN A 41 -10.45 3.93 -25.86
C GLN A 41 -11.85 4.35 -26.32
N GLU A 42 -12.68 3.42 -26.82
CA GLU A 42 -14.09 3.72 -27.22
C GLU A 42 -14.91 4.31 -26.05
N HIS A 43 -14.68 3.92 -24.80
CA HIS A 43 -15.37 4.46 -23.62
C HIS A 43 -14.82 5.83 -23.22
N GLY A 44 -13.84 6.37 -23.98
CA GLY A 44 -13.31 7.75 -23.81
C GLY A 44 -12.08 7.80 -22.93
N VAL A 45 -11.44 6.66 -22.73
CA VAL A 45 -10.18 6.59 -21.95
C VAL A 45 -9.04 6.98 -22.89
N ASP A 46 -8.34 8.04 -22.58
CA ASP A 46 -7.16 8.53 -23.36
C ASP A 46 -5.87 8.41 -22.56
N ARG A 47 -5.94 7.88 -21.33
CA ARG A 47 -4.74 7.68 -20.48
C ARG A 47 -5.04 6.54 -19.51
N VAL A 48 -4.02 5.77 -19.19
CA VAL A 48 -4.11 4.69 -18.17
C VAL A 48 -2.94 4.87 -17.22
N PHE A 49 -3.25 4.95 -15.93
CA PHE A 49 -2.24 5.06 -14.88
C PHE A 49 -1.87 3.63 -14.50
N GLY A 50 -0.61 3.34 -14.29
CA GLY A 50 -0.25 2.00 -13.79
C GLY A 50 1.24 1.81 -13.58
N LEU A 51 1.59 0.55 -13.41
CA LEU A 51 2.96 0.06 -13.21
C LEU A 51 3.00 -1.34 -13.82
N GLN A 52 3.91 -1.54 -14.75
CA GLN A 52 3.91 -2.70 -15.67
C GLN A 52 4.34 -3.95 -14.91
N GLY A 53 3.70 -5.07 -15.21
CA GLY A 53 4.17 -6.44 -14.94
C GLY A 53 3.75 -7.37 -16.06
N GLY A 54 4.32 -8.58 -16.06
CA GLY A 54 4.07 -9.58 -17.12
C GLY A 54 2.60 -9.89 -17.30
N HIS A 55 1.83 -9.89 -16.22
CA HIS A 55 0.41 -10.34 -16.22
C HIS A 55 -0.44 -9.37 -17.05
N ILE A 56 -0.02 -8.11 -17.16
CA ILE A 56 -0.81 -7.04 -17.81
C ILE A 56 -0.13 -6.55 -19.09
N GLN A 57 1.09 -7.00 -19.34
CA GLN A 57 1.84 -6.55 -20.55
C GLN A 57 0.98 -6.69 -21.81
N PRO A 58 0.24 -7.79 -22.03
CA PRO A 58 -0.56 -7.90 -23.26
C PRO A 58 -1.52 -6.72 -23.43
N ILE A 59 -2.10 -6.21 -22.33
CA ILE A 59 -3.02 -5.05 -22.43
C ILE A 59 -2.21 -3.76 -22.63
N TRP A 60 -1.19 -3.58 -21.77
CA TRP A 60 -0.19 -2.48 -21.83
C TRP A 60 0.26 -2.26 -23.28
N ASP A 61 0.79 -3.28 -23.92
CA ASP A 61 1.22 -3.23 -25.34
C ASP A 61 0.08 -2.67 -26.22
N GLN A 62 -1.13 -3.21 -26.12
CA GLN A 62 -2.28 -2.82 -27.00
C GLN A 62 -2.71 -1.36 -26.76
N LEU A 63 -2.69 -0.92 -25.51
CA LEU A 63 -3.02 0.47 -25.20
C LEU A 63 -2.01 1.41 -25.91
N ALA A 64 -0.70 1.12 -25.80
CA ALA A 64 0.35 1.93 -26.42
C ALA A 64 0.11 1.93 -27.94
N ARG A 65 -0.12 0.77 -28.56
CA ARG A 65 -0.31 0.71 -30.04
C ARG A 65 -1.56 1.49 -30.45
N ARG A 66 -2.56 1.65 -29.59
CA ARG A 66 -3.75 2.44 -29.95
C ARG A 66 -3.51 3.94 -29.70
N GLY A 67 -2.39 4.32 -29.12
CA GLY A 67 -2.13 5.73 -28.81
C GLY A 67 -2.75 6.14 -27.48
N VAL A 68 -3.16 5.22 -26.64
CA VAL A 68 -3.60 5.60 -25.27
C VAL A 68 -2.35 5.93 -24.46
N ARG A 69 -2.33 7.07 -23.79
CA ARG A 69 -1.14 7.48 -23.04
C ARG A 69 -1.01 6.56 -21.82
N ILE A 70 0.17 6.02 -21.58
CA ILE A 70 0.47 5.23 -20.36
C ILE A 70 1.21 6.13 -19.37
N VAL A 71 0.62 6.36 -18.21
CA VAL A 71 1.25 7.14 -17.13
C VAL A 71 1.78 6.17 -16.07
N ASP A 72 3.03 5.76 -16.20
CA ASP A 72 3.65 4.73 -15.34
C ASP A 72 4.22 5.43 -14.11
N VAL A 73 4.03 4.81 -12.94
CA VAL A 73 4.24 5.42 -11.60
C VAL A 73 5.31 4.64 -10.85
N ARG A 74 5.55 5.02 -9.61
CA ARG A 74 6.59 4.37 -8.78
C ARG A 74 5.93 3.37 -7.81
N ASP A 75 4.66 3.53 -7.54
CA ASP A 75 3.89 2.69 -6.57
C ASP A 75 2.46 2.64 -7.08
N GLU A 76 1.93 1.44 -7.31
CA GLU A 76 0.58 1.22 -7.89
C GLU A 76 -0.50 2.03 -7.12
N GLY A 77 -0.36 2.21 -5.81
CA GLY A 77 -1.32 2.99 -5.01
C GLY A 77 -1.49 4.37 -5.60
N SER A 78 -0.38 4.93 -6.07
CA SER A 78 -0.37 6.30 -6.63
C SER A 78 -1.12 6.35 -7.96
N ALA A 79 -1.03 5.29 -8.77
CA ALA A 79 -1.76 5.21 -10.06
C ALA A 79 -3.28 5.31 -9.77
N VAL A 80 -3.75 4.65 -8.71
CA VAL A 80 -5.21 4.66 -8.40
C VAL A 80 -5.61 6.03 -7.83
N HIS A 81 -4.73 6.67 -7.06
CA HIS A 81 -4.94 8.08 -6.61
C HIS A 81 -5.06 9.00 -7.85
N MET A 82 -4.24 8.77 -8.88
CA MET A 82 -4.22 9.64 -10.08
C MET A 82 -5.55 9.43 -10.84
N ALA A 83 -6.01 8.18 -10.97
CA ALA A 83 -7.31 7.89 -11.59
C ALA A 83 -8.41 8.63 -10.84
N HIS A 84 -8.34 8.55 -9.51
CA HIS A 84 -9.35 9.14 -8.60
C HIS A 84 -9.44 10.63 -8.93
N ALA A 85 -8.28 11.30 -8.98
CA ALA A 85 -8.25 12.77 -9.15
C ALA A 85 -8.85 13.08 -10.53
N HIS A 86 -8.47 12.29 -11.52
CA HIS A 86 -8.93 12.53 -12.90
C HIS A 86 -10.48 12.47 -12.94
N THR A 87 -11.08 11.43 -12.41
CA THR A 87 -12.54 11.25 -12.43
C THR A 87 -13.21 12.37 -11.62
N GLU A 88 -12.72 12.68 -10.42
CA GLU A 88 -13.33 13.70 -9.54
C GLU A 88 -13.35 15.04 -10.30
N LEU A 89 -12.27 15.39 -10.95
CA LEU A 89 -12.16 16.69 -11.64
C LEU A 89 -12.96 16.73 -12.95
N THR A 90 -12.82 15.73 -13.81
CA THR A 90 -13.30 15.74 -15.20
C THR A 90 -14.70 15.09 -15.33
N GLY A 91 -15.12 14.24 -14.41
CA GLY A 91 -16.33 13.39 -14.55
C GLY A 91 -16.16 12.20 -15.52
N GLN A 92 -14.98 12.00 -16.06
CA GLN A 92 -14.64 10.86 -16.95
C GLN A 92 -14.09 9.76 -16.03
N THR A 93 -14.71 8.60 -16.04
CA THR A 93 -14.25 7.42 -15.27
C THR A 93 -12.82 7.14 -15.73
N ALA A 94 -11.89 7.02 -14.80
CA ALA A 94 -10.47 6.80 -15.09
C ALA A 94 -10.09 5.36 -14.72
N VAL A 95 -8.90 4.99 -15.13
CA VAL A 95 -8.45 3.58 -15.22
C VAL A 95 -7.02 3.47 -14.72
N ALA A 96 -6.83 2.50 -13.82
CA ALA A 96 -5.51 2.11 -13.32
C ALA A 96 -5.29 0.64 -13.74
N MET A 97 -4.05 0.28 -14.07
CA MET A 97 -3.72 -1.10 -14.50
C MET A 97 -2.47 -1.57 -13.77
N VAL A 98 -2.58 -2.69 -13.06
CA VAL A 98 -1.55 -3.14 -12.10
C VAL A 98 -1.39 -4.65 -12.25
N THR A 99 -0.21 -5.18 -11.93
CA THR A 99 0.05 -6.62 -12.15
C THR A 99 -0.48 -7.43 -10.96
N ALA A 100 -0.40 -8.73 -11.08
CA ALA A 100 -0.81 -9.70 -10.05
C ALA A 100 -0.06 -9.45 -8.74
N GLY A 101 -0.66 -9.97 -7.68
CA GLY A 101 -0.06 -10.11 -6.34
C GLY A 101 0.13 -8.73 -5.74
N PRO A 102 1.39 -8.33 -5.54
CA PRO A 102 1.70 -7.06 -4.87
C PRO A 102 1.28 -5.85 -5.72
N GLY A 103 1.18 -6.00 -7.05
CA GLY A 103 0.66 -4.90 -7.88
C GLY A 103 -0.75 -4.55 -7.44
N VAL A 104 -1.61 -5.57 -7.33
CA VAL A 104 -3.02 -5.38 -6.87
C VAL A 104 -3.06 -4.96 -5.40
N THR A 105 -2.33 -5.61 -4.51
CA THR A 105 -2.42 -5.32 -3.04
C THR A 105 -1.89 -3.90 -2.79
N ASN A 106 -0.98 -3.38 -3.64
CA ASN A 106 -0.51 -1.99 -3.45
C ASN A 106 -1.64 -0.95 -3.69
N THR A 107 -2.74 -1.37 -4.35
CA THR A 107 -3.90 -0.47 -4.66
C THR A 107 -4.93 -0.37 -3.55
N VAL A 108 -4.90 -1.22 -2.51
CA VAL A 108 -6.06 -1.33 -1.57
C VAL A 108 -6.36 0.03 -0.90
N THR A 109 -5.37 0.75 -0.39
CA THR A 109 -5.63 2.06 0.29
C THR A 109 -6.38 3.01 -0.68
N ALA A 110 -5.87 3.11 -1.91
CA ALA A 110 -6.35 4.08 -2.90
C ALA A 110 -7.76 3.68 -3.36
N VAL A 111 -8.00 2.37 -3.46
CA VAL A 111 -9.34 1.82 -3.77
C VAL A 111 -10.30 2.18 -2.62
N ALA A 112 -9.88 1.94 -1.39
CA ALA A 112 -10.74 2.20 -0.22
C ALA A 112 -11.10 3.71 -0.24
N ASN A 113 -10.12 4.55 -0.53
CA ASN A 113 -10.30 6.02 -0.52
C ASN A 113 -11.34 6.40 -1.59
N ALA A 114 -11.25 5.79 -2.77
CA ALA A 114 -12.20 6.05 -3.88
C ALA A 114 -13.59 5.51 -3.47
N SER A 115 -13.64 4.40 -2.75
CA SER A 115 -14.92 3.78 -2.31
C SER A 115 -15.61 4.74 -1.32
N VAL A 116 -14.85 5.20 -0.34
CA VAL A 116 -15.37 6.13 0.69
C VAL A 116 -15.91 7.41 0.01
N SER A 117 -15.17 7.93 -0.96
CA SER A 117 -15.48 9.21 -1.65
C SER A 117 -16.51 8.97 -2.77
N ARG A 118 -16.82 7.73 -3.12
CA ARG A 118 -17.81 7.35 -4.17
C ARG A 118 -17.37 7.88 -5.54
N ILE A 119 -16.12 7.54 -5.92
CA ILE A 119 -15.54 7.97 -7.21
C ILE A 119 -15.52 6.77 -8.17
N PRO A 120 -16.22 6.87 -9.33
CA PRO A 120 -16.12 5.84 -10.36
C PRO A 120 -14.66 5.69 -10.79
N LEU A 121 -14.17 4.46 -10.74
CA LEU A 121 -12.91 4.13 -11.40
C LEU A 121 -12.76 2.63 -11.60
N LEU A 122 -11.98 2.28 -12.59
CA LEU A 122 -11.73 0.90 -13.01
C LEU A 122 -10.29 0.54 -12.71
N VAL A 123 -10.08 -0.49 -11.90
CA VAL A 123 -8.74 -1.11 -11.69
C VAL A 123 -8.74 -2.42 -12.44
N ILE A 124 -7.74 -2.59 -13.30
CA ILE A 124 -7.56 -3.80 -14.09
C ILE A 124 -6.32 -4.49 -13.50
N GLY A 125 -6.49 -5.68 -12.97
CA GLY A 125 -5.38 -6.40 -12.38
C GLY A 125 -4.96 -7.56 -13.24
N GLY A 126 -3.67 -7.89 -13.18
CA GLY A 126 -3.18 -9.19 -13.67
C GLY A 126 -3.54 -10.31 -12.71
N CYS A 127 -3.60 -11.53 -13.21
CA CYS A 127 -3.71 -12.68 -12.30
C CYS A 127 -3.25 -13.92 -13.04
N PRO A 128 -2.92 -14.99 -12.31
CA PRO A 128 -2.32 -16.17 -12.93
C PRO A 128 -3.21 -16.90 -13.92
N PRO A 129 -2.61 -17.64 -14.88
CA PRO A 129 -3.38 -18.45 -15.82
C PRO A 129 -4.29 -19.46 -15.10
N ILE A 130 -5.42 -19.76 -15.72
CA ILE A 130 -6.48 -20.64 -15.16
C ILE A 130 -5.93 -22.02 -14.83
N PRO A 131 -5.10 -22.67 -15.67
CA PRO A 131 -4.60 -24.01 -15.37
C PRO A 131 -3.91 -24.11 -14.00
N GLN A 132 -3.31 -23.03 -13.53
CA GLN A 132 -2.45 -23.04 -12.31
C GLN A 132 -3.25 -22.59 -11.06
N SER A 133 -4.57 -22.41 -11.17
CA SER A 133 -5.41 -21.91 -10.05
C SER A 133 -5.12 -22.77 -8.79
N ASN A 134 -4.88 -22.11 -7.64
CA ASN A 134 -4.70 -22.76 -6.30
C ASN A 134 -3.42 -23.61 -6.20
N MET A 135 -2.52 -23.54 -7.18
CA MET A 135 -1.37 -24.45 -7.22
C MET A 135 -0.09 -23.73 -6.72
N GLY A 136 -0.21 -22.51 -6.23
CA GLY A 136 0.95 -21.67 -5.88
C GLY A 136 1.71 -21.17 -7.12
N PRO A 137 1.03 -20.72 -8.20
CA PRO A 137 1.71 -19.98 -9.26
C PRO A 137 2.17 -18.68 -8.62
N LEU A 138 3.09 -18.01 -9.30
CA LEU A 138 3.55 -16.64 -8.98
C LEU A 138 2.33 -15.72 -8.85
N GLN A 139 2.14 -15.19 -7.64
CA GLN A 139 1.18 -14.12 -7.27
C GLN A 139 -0.28 -14.57 -7.34
N ASP A 140 -0.58 -15.79 -6.92
CA ASP A 140 -1.97 -16.28 -6.77
C ASP A 140 -2.40 -15.93 -5.37
N ILE A 141 -2.88 -14.72 -5.17
CA ILE A 141 -3.64 -14.38 -3.93
C ILE A 141 -5.07 -14.01 -4.34
N PRO A 142 -6.01 -14.11 -3.38
CA PRO A 142 -7.43 -13.85 -3.63
C PRO A 142 -7.72 -12.35 -3.77
N HIS A 143 -7.22 -11.72 -4.85
CA HIS A 143 -7.45 -10.29 -5.15
C HIS A 143 -8.94 -9.92 -5.02
N THR A 144 -9.84 -10.71 -5.62
CA THR A 144 -11.28 -10.38 -5.64
C THR A 144 -11.87 -10.41 -4.21
N ALA A 145 -11.51 -11.37 -3.36
CA ALA A 145 -11.99 -11.46 -1.97
C ALA A 145 -11.42 -10.28 -1.19
N ILE A 146 -10.17 -9.85 -1.42
CA ILE A 146 -9.56 -8.70 -0.69
C ILE A 146 -10.30 -7.41 -1.05
N LEU A 147 -10.62 -7.25 -2.33
CA LEU A 147 -11.24 -6.01 -2.87
C LEU A 147 -12.77 -5.99 -2.81
N GLU A 148 -13.46 -7.13 -2.74
CA GLU A 148 -14.93 -7.19 -2.72
CA GLU A 148 -14.94 -7.20 -2.71
C GLU A 148 -15.49 -6.18 -1.71
N PRO A 149 -14.97 -6.06 -0.47
CA PRO A 149 -15.63 -5.20 0.51
C PRO A 149 -15.58 -3.70 0.20
N ILE A 150 -14.71 -3.28 -0.71
CA ILE A 150 -14.48 -1.82 -0.95
C ILE A 150 -14.57 -1.51 -2.45
N THR A 151 -15.27 -2.35 -3.21
CA THR A 151 -15.56 -2.14 -4.63
C THR A 151 -17.07 -2.33 -4.85
N ARG A 152 -17.56 -1.86 -5.97
CA ARG A 152 -18.94 -2.08 -6.46
C ARG A 152 -18.97 -3.39 -7.23
N LEU A 153 -17.80 -3.93 -7.59
CA LEU A 153 -17.67 -5.21 -8.33
C LEU A 153 -16.18 -5.60 -8.36
N ALA A 154 -15.91 -6.87 -8.16
CA ALA A 154 -14.56 -7.45 -8.13
C ALA A 154 -14.67 -8.87 -8.70
N ARG A 155 -14.20 -9.05 -9.94
CA ARG A 155 -14.37 -10.31 -10.67
C ARG A 155 -13.10 -10.69 -11.42
N THR A 156 -12.97 -12.01 -11.56
CA THR A 156 -12.00 -12.73 -12.40
C THR A 156 -12.79 -13.12 -13.66
N LEU A 157 -12.29 -12.77 -14.85
CA LEU A 157 -12.99 -12.97 -16.14
C LEU A 157 -12.39 -14.16 -16.88
N ARG A 158 -13.13 -15.28 -16.89
CA ARG A 158 -12.59 -16.58 -17.36
C ARG A 158 -13.17 -16.98 -18.72
N SER A 159 -14.06 -16.21 -19.30
CA SER A 159 -14.64 -16.59 -20.62
C SER A 159 -14.28 -15.45 -21.61
N ALA A 160 -13.33 -15.74 -22.50
CA ALA A 160 -12.75 -14.79 -23.48
C ALA A 160 -13.90 -14.04 -24.18
N ASP A 161 -14.92 -14.76 -24.64
CA ASP A 161 -16.03 -14.20 -25.46
C ASP A 161 -16.90 -13.21 -24.67
N GLN A 162 -16.83 -13.23 -23.33
CA GLN A 162 -17.70 -12.44 -22.43
C GLN A 162 -16.93 -11.29 -21.81
N VAL A 163 -15.64 -11.17 -22.08
CA VAL A 163 -14.82 -10.12 -21.42
C VAL A 163 -15.34 -8.70 -21.75
N LEU A 164 -15.67 -8.43 -23.00
CA LEU A 164 -16.22 -7.12 -23.41
C LEU A 164 -17.47 -6.81 -22.62
N ARG A 165 -18.43 -7.74 -22.61
CA ARG A 165 -19.67 -7.61 -21.84
C ARG A 165 -19.39 -7.25 -20.38
N GLU A 166 -18.52 -8.03 -19.71
CA GLU A 166 -18.20 -7.86 -18.28
C GLU A 166 -17.61 -6.47 -18.07
N PHE A 167 -16.74 -6.04 -18.99
CA PHE A 167 -16.12 -4.67 -18.93
C PHE A 167 -17.22 -3.63 -18.96
N ASP A 168 -18.14 -3.75 -19.91
CA ASP A 168 -19.18 -2.70 -20.06
C ASP A 168 -20.09 -2.66 -18.81
N GLU A 169 -20.48 -3.82 -18.30
CA GLU A 169 -21.34 -3.90 -17.10
C GLU A 169 -20.58 -3.34 -15.88
N ALA A 170 -19.29 -3.62 -15.74
CA ALA A 170 -18.48 -3.15 -14.61
C ALA A 170 -18.39 -1.62 -14.65
N TRP A 171 -18.22 -1.09 -15.86
CA TRP A 171 -18.13 0.37 -16.10
C TRP A 171 -19.42 1.02 -15.60
N ALA A 172 -20.57 0.43 -15.93
CA ALA A 172 -21.88 0.94 -15.51
C ALA A 172 -21.98 0.84 -13.98
N ARG A 173 -21.52 -0.28 -13.37
CA ARG A 173 -21.57 -0.41 -11.90
C ARG A 173 -20.67 0.66 -11.21
N ALA A 174 -19.56 1.02 -11.84
CA ALA A 174 -18.64 2.06 -11.30
C ALA A 174 -19.43 3.39 -11.21
N SER A 175 -20.29 3.69 -12.19
CA SER A 175 -21.17 4.87 -12.17
C SER A 175 -22.25 4.79 -11.11
N GLY A 176 -22.56 3.61 -10.58
CA GLY A 176 -23.50 3.42 -9.46
C GLY A 176 -24.64 2.45 -9.78
N ASP A 177 -24.74 1.94 -10.99
CA ASP A 177 -25.76 0.94 -11.39
C ASP A 177 -25.64 -0.26 -10.44
N ARG A 178 -26.79 -0.68 -9.88
CA ARG A 178 -26.88 -1.86 -8.97
C ARG A 178 -26.07 -1.58 -7.69
N GLY A 179 -25.69 -0.33 -7.41
CA GLY A 179 -25.02 -0.03 -6.15
C GLY A 179 -25.00 1.44 -5.87
N GLU A 180 -23.82 2.01 -5.90
CA GLU A 180 -23.57 3.46 -5.78
C GLU A 180 -22.23 3.74 -6.43
N PRO A 181 -21.93 4.98 -6.82
CA PRO A 181 -20.69 5.28 -7.54
C PRO A 181 -19.47 4.82 -6.76
N GLY A 182 -18.49 4.31 -7.47
CA GLY A 182 -17.25 3.87 -6.79
C GLY A 182 -16.38 2.96 -7.67
N PRO A 183 -15.28 2.45 -7.09
CA PRO A 183 -14.29 1.68 -7.83
C PRO A 183 -14.81 0.26 -8.14
N VAL A 184 -14.37 -0.25 -9.29
CA VAL A 184 -14.61 -1.66 -9.68
C VAL A 184 -13.24 -2.26 -10.04
N TYR A 185 -13.17 -3.56 -9.92
CA TYR A 185 -11.97 -4.37 -10.14
C TYR A 185 -12.28 -5.52 -11.07
N LEU A 186 -11.47 -5.65 -12.11
CA LEU A 186 -11.53 -6.75 -13.09
C LEU A 186 -10.13 -7.29 -13.29
N GLU A 187 -10.02 -8.60 -13.35
CA GLU A 187 -8.75 -9.28 -13.57
C GLU A 187 -9.01 -10.35 -14.57
N ILE A 188 -8.04 -10.59 -15.43
CA ILE A 188 -8.15 -11.53 -16.59
C ILE A 188 -6.91 -12.42 -16.55
N PRO A 189 -7.10 -13.71 -16.23
CA PRO A 189 -6.00 -14.66 -16.24
C PRO A 189 -5.27 -14.54 -17.57
N THR A 190 -3.94 -14.65 -17.52
CA THR A 190 -3.08 -14.29 -18.66
C THR A 190 -3.37 -15.21 -19.86
N ASP A 191 -3.77 -16.47 -19.64
CA ASP A 191 -4.14 -17.38 -20.76
C ASP A 191 -5.40 -16.83 -21.46
N VAL A 192 -6.29 -16.20 -20.70
CA VAL A 192 -7.56 -15.67 -21.29
C VAL A 192 -7.21 -14.42 -22.07
N LEU A 193 -6.31 -13.59 -21.53
CA LEU A 193 -5.86 -12.35 -22.23
C LEU A 193 -5.39 -12.69 -23.64
N ARG A 194 -4.78 -13.84 -23.81
CA ARG A 194 -4.17 -14.20 -25.13
C ARG A 194 -5.13 -14.97 -26.01
N ARG A 195 -6.33 -15.29 -25.55
CA ARG A 195 -7.30 -16.11 -26.33
C ARG A 195 -7.98 -15.21 -27.38
N ASP A 196 -8.18 -15.72 -28.58
CA ASP A 196 -8.91 -14.98 -29.64
C ASP A 196 -10.42 -15.00 -29.36
N VAL A 197 -11.09 -13.89 -29.70
CA VAL A 197 -12.55 -13.75 -29.68
C VAL A 197 -13.03 -13.61 -31.11
N PRO A 198 -13.96 -14.47 -31.59
CA PRO A 198 -14.55 -14.33 -32.92
C PRO A 198 -15.36 -13.03 -33.05
N PRO A 199 -15.40 -12.48 -34.27
CA PRO A 199 -15.93 -11.14 -34.49
C PRO A 199 -17.42 -11.02 -34.17
N ALA A 200 -18.19 -12.07 -34.44
CA ALA A 200 -19.64 -12.13 -34.15
C ALA A 200 -19.92 -11.86 -32.67
N LEU A 201 -18.96 -12.10 -31.78
CA LEU A 201 -19.22 -12.01 -30.31
C LEU A 201 -18.76 -10.66 -29.79
N GLN A 202 -18.20 -9.81 -30.67
CA GLN A 202 -17.65 -8.48 -30.30
C GLN A 202 -18.73 -7.43 -30.58
N MET A 203 -19.58 -7.15 -29.63
CA MET A 203 -20.82 -6.43 -29.89
C MET A 203 -20.55 -4.93 -29.72
N ARG A 204 -21.02 -4.15 -30.68
CA ARG A 204 -20.84 -2.70 -30.70
C ARG A 204 -21.44 -2.14 -29.40
N GLU A 205 -22.55 -2.67 -28.92
CA GLU A 205 -23.25 -2.03 -27.77
C GLU A 205 -22.34 -2.08 -26.52
N HIS A 206 -21.42 -3.04 -26.42
CA HIS A 206 -20.52 -3.17 -25.25
C HIS A 206 -19.27 -2.29 -25.45
N LEU A 207 -18.83 -2.10 -26.69
CA LEU A 207 -17.62 -1.28 -27.00
C LEU A 207 -17.92 0.21 -26.82
N ARG A 208 -19.14 0.67 -27.12
CA ARG A 208 -19.45 2.12 -27.28
C ARG A 208 -19.55 2.81 -25.91
N ALA A 209 -19.18 4.08 -25.88
CA ALA A 209 -19.34 4.94 -24.70
C ALA A 209 -20.85 5.04 -24.35
N LYS A 210 -21.17 5.21 -23.08
CA LYS A 210 -22.56 5.33 -22.65
C LYS A 210 -22.72 6.68 -21.97
N PRO A 211 -23.86 7.33 -22.09
CA PRO A 211 -24.12 8.56 -21.35
C PRO A 211 -24.46 8.26 -19.89
N LYS A 212 -24.32 9.23 -19.02
CA LYS A 212 -24.69 9.08 -17.61
C LYS A 212 -26.20 9.02 -17.52
N ARG A 213 -26.72 8.36 -16.50
CA ARG A 213 -28.19 8.29 -16.30
C ARG A 213 -28.64 9.65 -15.72
N ARG A 214 -29.90 9.95 -15.93
CA ARG A 214 -30.52 11.24 -15.64
C ARG A 214 -31.90 10.96 -15.08
N PRO A 215 -32.07 10.20 -13.96
CA PRO A 215 -33.41 10.05 -13.39
C PRO A 215 -33.92 11.46 -13.00
N GLN A 216 -35.19 11.72 -13.23
CA GLN A 216 -35.82 13.04 -13.00
C GLN A 216 -36.63 13.01 -11.69
N PRO A 217 -36.81 14.19 -11.06
CA PRO A 217 -37.63 14.29 -9.86
C PRO A 217 -39.11 14.12 -10.22
N HIS A 218 -39.88 13.68 -9.25
CA HIS A 218 -41.36 13.64 -9.33
C HIS A 218 -41.88 15.03 -8.91
N PRO A 219 -42.79 15.67 -9.68
CA PRO A 219 -43.27 17.02 -9.33
C PRO A 219 -43.92 17.13 -7.93
N ASP A 220 -44.50 16.06 -7.38
CA ASP A 220 -45.07 16.08 -5.99
C ASP A 220 -43.98 16.29 -4.97
N ASP A 221 -42.82 15.65 -5.15
CA ASP A 221 -41.69 15.83 -4.21
C ASP A 221 -41.09 17.24 -4.34
N VAL A 222 -40.95 17.73 -5.56
CA VAL A 222 -40.50 19.12 -5.84
C VAL A 222 -41.40 20.11 -5.07
N ALA A 223 -42.72 19.94 -5.23
CA ALA A 223 -43.74 20.80 -4.60
C ALA A 223 -43.54 20.75 -3.09
N ALA A 224 -43.32 19.54 -2.57
CA ALA A 224 -43.26 19.30 -1.11
C ALA A 224 -42.04 20.02 -0.55
N VAL A 225 -40.93 19.97 -1.26
CA VAL A 225 -39.71 20.68 -0.77
C VAL A 225 -39.92 22.19 -0.84
N ALA A 226 -40.53 22.70 -1.92
CA ALA A 226 -40.77 24.16 -2.07
C ALA A 226 -41.66 24.65 -0.90
N ASP A 227 -42.65 23.85 -0.49
CA ASP A 227 -43.56 24.17 0.66
C ASP A 227 -42.72 24.24 1.93
N LEU A 228 -41.79 23.30 2.13
CA LEU A 228 -40.91 23.31 3.34
C LEU A 228 -40.07 24.59 3.33
N ILE A 229 -39.58 24.97 2.16
CA ILE A 229 -38.71 26.19 2.04
C ILE A 229 -39.55 27.43 2.38
N ARG A 230 -40.74 27.55 1.80
CA ARG A 230 -41.64 28.70 2.09
C ARG A 230 -41.94 28.77 3.57
N ALA A 231 -42.07 27.66 4.31
CA ALA A 231 -42.43 27.64 5.75
C ALA A 231 -41.18 27.80 6.61
N ALA A 232 -39.98 27.61 6.07
CA ALA A 232 -38.73 27.72 6.85
C ALA A 232 -38.34 29.19 7.01
N GLU A 233 -37.79 29.55 8.16
CA GLU A 233 -37.22 30.88 8.44
C GLU A 233 -35.72 30.91 8.17
N LYS A 234 -35.03 29.79 8.28
CA LYS A 234 -33.54 29.72 8.23
C LYS A 234 -33.08 28.49 7.46
N PRO A 235 -33.56 28.35 6.21
CA PRO A 235 -33.18 27.21 5.41
C PRO A 235 -31.68 27.27 5.14
N ALA A 236 -31.00 26.13 5.15
CA ALA A 236 -29.57 26.06 4.78
C ALA A 236 -29.33 24.86 3.83
N ILE A 237 -28.56 25.09 2.80
CA ILE A 237 -28.10 24.02 1.87
C ILE A 237 -26.67 23.66 2.20
N ILE A 238 -26.38 22.36 2.32
CA ILE A 238 -25.00 21.85 2.47
C ILE A 238 -24.75 20.90 1.29
N SER A 239 -23.75 21.23 0.48
CA SER A 239 -23.43 20.47 -0.75
C SER A 239 -22.39 19.40 -0.48
N GLY A 240 -22.30 18.45 -1.39
CA GLY A 240 -21.29 17.38 -1.42
C GLY A 240 -21.05 16.91 -2.84
N ARG A 241 -20.46 15.73 -2.93
CA ARG A 241 -20.02 15.06 -4.18
C ARG A 241 -21.03 15.25 -5.30
N GLY A 242 -22.28 14.87 -5.08
CA GLY A 242 -23.28 14.89 -6.14
C GLY A 242 -23.53 16.29 -6.67
N ALA A 243 -23.56 17.30 -5.77
CA ALA A 243 -23.66 18.71 -6.23
C ALA A 243 -22.42 19.06 -7.10
N ARG A 244 -21.24 18.54 -6.78
CA ARG A 244 -19.96 18.92 -7.43
C ARG A 244 -19.90 18.28 -8.83
N THR A 245 -20.74 17.29 -9.11
CA THR A 245 -20.87 16.76 -10.47
C THR A 245 -21.66 17.74 -11.35
N THR A 246 -22.29 18.78 -10.79
CA THR A 246 -22.99 19.80 -11.61
C THR A 246 -22.04 20.97 -11.77
N ASP A 247 -22.43 21.95 -12.60
CA ASP A 247 -21.64 23.20 -12.76
C ASP A 247 -22.03 24.24 -11.69
N GLY A 248 -23.02 24.00 -10.83
CA GLY A 248 -23.37 24.96 -9.76
C GLY A 248 -24.47 25.93 -10.13
N THR A 249 -24.83 26.07 -11.40
CA THR A 249 -25.77 27.13 -11.82
C THR A 249 -27.19 26.82 -11.31
N ASP A 250 -27.66 25.58 -11.37
CA ASP A 250 -29.00 25.23 -10.81
C ASP A 250 -28.98 25.37 -9.29
N LEU A 251 -27.86 25.04 -8.64
CA LEU A 251 -27.70 25.25 -7.19
C LEU A 251 -27.89 26.74 -6.87
N VAL A 252 -27.20 27.61 -7.63
CA VAL A 252 -27.31 29.08 -7.45
C VAL A 252 -28.76 29.51 -7.67
N ARG A 253 -29.46 29.01 -8.69
CA ARG A 253 -30.88 29.33 -8.94
C ARG A 253 -31.66 28.99 -7.67
N LEU A 254 -31.41 27.84 -7.03
CA LEU A 254 -32.23 27.45 -5.83
C LEU A 254 -31.90 28.36 -4.64
N LEU A 255 -30.62 28.71 -4.48
CA LEU A 255 -30.16 29.61 -3.37
C LEU A 255 -30.86 30.95 -3.51
N ASP A 256 -30.90 31.44 -4.74
CA ASP A 256 -31.55 32.73 -5.04
C ASP A 256 -33.05 32.63 -4.69
N ALA A 257 -33.74 31.60 -5.18
CA ALA A 257 -35.20 31.46 -5.04
C ALA A 257 -35.58 31.16 -3.57
N SER A 258 -34.69 30.54 -2.78
CA SER A 258 -34.94 30.02 -1.40
C SER A 258 -34.52 31.02 -0.31
N GLY A 259 -33.51 31.85 -0.55
CA GLY A 259 -32.89 32.67 0.50
C GLY A 259 -32.07 31.83 1.45
N ALA A 260 -31.78 30.56 1.10
CA ALA A 260 -31.03 29.65 1.99
C ALA A 260 -29.58 30.13 2.13
N ALA A 261 -29.00 29.93 3.32
CA ALA A 261 -27.54 30.02 3.52
C ALA A 261 -26.92 28.82 2.82
N TYR A 262 -25.62 28.86 2.54
CA TYR A 262 -24.89 27.82 1.79
C TYR A 262 -23.59 27.48 2.47
N LEU A 263 -23.39 26.19 2.76
CA LEU A 263 -22.09 25.60 3.13
C LEU A 263 -21.76 24.55 2.10
N ASP A 264 -20.49 24.45 1.78
CA ASP A 264 -19.93 23.31 1.05
C ASP A 264 -19.13 22.46 2.04
N THR A 265 -18.59 21.38 1.49
CA THR A 265 -17.67 20.47 2.20
C THR A 265 -16.41 20.34 1.33
N GLN A 266 -15.43 19.64 1.87
CA GLN A 266 -14.14 19.43 1.16
C GLN A 266 -14.39 18.93 -0.28
N GLU A 267 -15.38 18.07 -0.48
CA GLU A 267 -15.63 17.42 -1.81
C GLU A 267 -16.52 18.26 -2.72
N SER A 268 -16.95 19.49 -2.35
CA SER A 268 -17.92 20.25 -3.16
C SER A 268 -17.53 21.74 -3.22
N ARG A 269 -16.25 22.09 -3.07
CA ARG A 269 -15.78 23.49 -3.19
C ARG A 269 -15.98 23.98 -4.62
N GLY A 270 -16.13 25.30 -4.78
CA GLY A 270 -16.07 25.98 -6.09
C GLY A 270 -17.40 26.08 -6.83
N LEU A 271 -18.54 25.74 -6.26
CA LEU A 271 -19.84 25.74 -6.98
C LEU A 271 -20.52 27.10 -6.90
N VAL A 272 -20.24 27.88 -5.85
CA VAL A 272 -20.99 29.14 -5.58
C VAL A 272 -19.95 30.23 -5.46
N PRO A 273 -20.08 31.34 -6.23
CA PRO A 273 -19.13 32.45 -6.10
C PRO A 273 -19.01 32.90 -4.63
N ASP A 274 -17.78 33.16 -4.22
CA ASP A 274 -17.42 33.57 -2.86
C ASP A 274 -18.29 34.78 -2.42
N SER A 275 -18.59 35.68 -3.35
CA SER A 275 -19.37 36.92 -3.04
C SER A 275 -20.88 36.65 -3.02
N HIS A 276 -21.35 35.47 -3.39
CA HIS A 276 -22.82 35.18 -3.38
C HIS A 276 -23.36 35.49 -1.98
N PRO A 277 -24.54 36.16 -1.86
CA PRO A 277 -25.15 36.46 -0.57
C PRO A 277 -25.36 35.25 0.36
N ALA A 278 -25.40 34.03 -0.18
CA ALA A 278 -25.63 32.78 0.59
C ALA A 278 -24.32 32.21 1.13
N ALA A 279 -23.16 32.55 0.54
CA ALA A 279 -21.88 31.85 0.78
C ALA A 279 -21.30 32.33 2.11
N VAL A 280 -21.40 31.52 3.16
CA VAL A 280 -21.11 31.91 4.58
C VAL A 280 -20.14 30.89 5.18
N GLY A 281 -19.01 30.66 4.48
CA GLY A 281 -18.07 29.56 4.83
C GLY A 281 -17.42 29.66 6.21
N SER A 282 -17.38 30.86 6.79
CA SER A 282 -16.75 31.08 8.10
C SER A 282 -17.83 31.01 9.19
N ALA A 283 -19.08 30.68 8.85
CA ALA A 283 -20.20 30.59 9.84
C ALA A 283 -20.75 29.14 9.94
N ARG A 284 -19.87 28.16 9.79
CA ARG A 284 -20.26 26.72 9.74
C ARG A 284 -21.07 26.35 10.97
N SER A 285 -20.57 26.66 12.15
CA SER A 285 -21.22 26.29 13.43
C SER A 285 -22.55 27.00 13.53
N ALA A 286 -22.62 28.29 13.15
CA ALA A 286 -23.85 29.10 13.31
C ALA A 286 -24.93 28.55 12.38
N VAL A 287 -24.58 28.18 11.16
CA VAL A 287 -25.55 27.57 10.22
C VAL A 287 -26.11 26.26 10.82
N MET A 288 -25.26 25.37 11.33
CA MET A 288 -25.71 24.02 11.81
C MET A 288 -26.55 24.20 13.09
N ARG A 289 -26.11 25.04 14.02
CA ARG A 289 -26.82 25.34 15.30
C ARG A 289 -28.26 25.85 15.05
N ASP A 290 -28.47 26.66 14.00
CA ASP A 290 -29.70 27.50 13.90
C ASP A 290 -30.61 27.12 12.72
N THR A 291 -30.17 26.39 11.71
CA THR A 291 -31.03 26.14 10.53
C THR A 291 -32.26 25.38 11.00
N ASP A 292 -33.41 25.74 10.47
CA ASP A 292 -34.67 25.00 10.73
C ASP A 292 -34.98 24.13 9.51
N LEU A 293 -34.13 24.12 8.50
CA LEU A 293 -34.37 23.30 7.29
C LEU A 293 -33.03 23.05 6.58
N LEU A 294 -32.47 21.89 6.91
CA LEU A 294 -31.21 21.39 6.35
C LEU A 294 -31.54 20.66 5.07
N ILE A 295 -30.98 21.10 3.95
CA ILE A 295 -31.16 20.51 2.61
C ILE A 295 -29.79 19.98 2.17
N THR A 296 -29.64 18.67 2.17
CA THR A 296 -28.37 18.06 1.68
C THR A 296 -28.48 17.87 0.16
N VAL A 297 -27.41 18.26 -0.54
CA VAL A 297 -27.37 18.07 -2.01
C VAL A 297 -26.16 17.22 -2.36
N GLY A 298 -26.43 15.96 -2.67
CA GLY A 298 -25.38 14.99 -3.02
C GLY A 298 -24.35 14.84 -1.89
N ARG A 299 -24.80 14.78 -0.64
CA ARG A 299 -23.92 14.87 0.54
C ARG A 299 -24.36 13.84 1.59
N GLN A 300 -23.41 13.06 2.10
CA GLN A 300 -23.63 12.16 3.26
C GLN A 300 -23.64 12.98 4.54
N LEU A 301 -24.48 12.60 5.50
CA LEU A 301 -24.45 13.14 6.88
C LEU A 301 -23.57 12.20 7.72
N ASP A 302 -22.30 12.05 7.31
CA ASP A 302 -21.27 11.24 8.01
C ASP A 302 -20.65 12.11 9.12
N TYR A 303 -19.51 11.70 9.65
CA TYR A 303 -18.84 12.37 10.78
C TYR A 303 -18.48 13.82 10.41
N GLN A 304 -18.37 14.12 9.12
CA GLN A 304 -17.92 15.48 8.68
C GLN A 304 -19.04 16.49 8.96
N LEU A 305 -20.31 16.03 9.05
CA LEU A 305 -21.47 16.90 9.41
C LEU A 305 -22.16 16.35 10.69
N GLY A 306 -21.38 15.82 11.60
CA GLY A 306 -21.89 15.48 12.94
C GLY A 306 -22.93 14.38 12.88
N MET A 307 -22.85 13.49 11.89
CA MET A 307 -23.82 12.38 11.65
C MET A 307 -25.23 12.93 11.37
N GLY A 308 -25.33 14.21 11.02
CA GLY A 308 -26.62 14.91 10.92
C GLY A 308 -27.39 14.87 12.24
N SER A 309 -26.74 14.63 13.36
CA SER A 309 -27.41 14.38 14.67
C SER A 309 -28.23 15.60 15.08
N PRO A 310 -29.44 15.41 15.68
CA PRO A 310 -30.12 16.51 16.36
C PRO A 310 -29.20 17.27 17.33
N ALA A 311 -28.18 16.61 17.89
CA ALA A 311 -27.18 17.23 18.78
C ALA A 311 -26.48 18.38 18.05
N VAL A 312 -26.25 18.24 16.75
CA VAL A 312 -25.42 19.18 15.97
C VAL A 312 -26.33 20.10 15.15
N PHE A 313 -27.51 19.64 14.77
CA PHE A 313 -28.58 20.41 14.07
C PHE A 313 -29.83 20.43 14.95
N PRO A 314 -29.80 21.11 16.11
CA PRO A 314 -30.92 21.01 17.06
C PRO A 314 -32.27 21.57 16.56
N HIS A 315 -32.32 22.37 15.49
CA HIS A 315 -33.56 23.01 15.01
C HIS A 315 -33.99 22.50 13.65
N ALA A 316 -33.22 21.60 13.01
CA ALA A 316 -33.37 21.39 11.56
C ALA A 316 -34.42 20.30 11.27
N LYS A 317 -35.42 20.65 10.45
CA LYS A 317 -36.08 19.65 9.59
C LYS A 317 -35.08 19.29 8.51
N VAL A 318 -35.27 18.14 7.87
CA VAL A 318 -34.26 17.59 6.94
C VAL A 318 -34.92 17.25 5.61
N VAL A 319 -34.27 17.67 4.53
CA VAL A 319 -34.59 17.32 3.12
C VAL A 319 -33.28 16.81 2.51
N ARG A 320 -33.37 15.75 1.71
CA ARG A 320 -32.21 15.13 1.03
C ARG A 320 -32.51 14.96 -0.45
N ILE A 321 -31.57 15.43 -1.24
CA ILE A 321 -31.56 15.40 -2.73
C ILE A 321 -30.27 14.74 -3.16
N ALA A 322 -30.36 13.73 -4.02
CA ALA A 322 -29.17 13.04 -4.52
C ALA A 322 -29.55 12.14 -5.69
N ASP A 323 -28.56 11.67 -6.47
CA ASP A 323 -28.84 10.68 -7.53
C ASP A 323 -28.48 9.28 -7.03
N THR A 324 -28.24 9.13 -5.74
CA THR A 324 -27.85 7.83 -5.11
C THR A 324 -28.33 7.87 -3.68
N ALA A 325 -29.00 6.81 -3.23
CA ALA A 325 -29.52 6.71 -1.84
C ALA A 325 -28.36 6.66 -0.84
N SER A 326 -27.10 6.52 -1.28
CA SER A 326 -25.92 6.69 -0.40
C SER A 326 -25.87 8.12 0.20
N GLU A 327 -26.66 9.06 -0.33
CA GLU A 327 -26.70 10.50 0.10
C GLU A 327 -28.14 10.88 0.45
N LEU A 328 -29.01 9.87 0.67
CA LEU A 328 -30.42 10.05 1.08
C LEU A 328 -30.76 9.35 2.41
N ILE A 329 -30.23 8.18 2.73
CA ILE A 329 -30.80 7.33 3.84
C ILE A 329 -29.83 7.26 5.03
N ASP A 330 -28.59 7.71 4.86
CA ASP A 330 -27.56 7.58 5.89
C ASP A 330 -27.87 8.53 7.05
N ASN A 331 -28.11 7.97 8.24
CA ASN A 331 -28.17 8.61 9.60
C ASN A 331 -29.43 9.46 9.83
N ARG A 332 -29.80 10.30 8.85
CA ARG A 332 -31.07 11.06 8.92
C ARG A 332 -31.87 10.79 7.64
N ARG A 333 -33.18 10.65 7.79
CA ARG A 333 -34.15 10.52 6.69
C ARG A 333 -34.78 11.90 6.43
N GLY A 334 -35.09 12.18 5.17
CA GLY A 334 -35.75 13.43 4.81
C GLY A 334 -37.23 13.40 5.13
N GLU A 335 -37.80 14.53 5.50
CA GLU A 335 -39.26 14.75 5.36
C GLU A 335 -39.63 14.49 3.91
N VAL A 336 -38.74 14.85 2.99
CA VAL A 336 -38.82 14.54 1.55
C VAL A 336 -37.41 14.10 1.15
N GLU A 337 -37.34 13.13 0.26
CA GLU A 337 -36.06 12.68 -0.31
C GLU A 337 -36.29 12.64 -1.80
N ILE A 338 -35.41 13.30 -2.56
CA ILE A 338 -35.53 13.27 -4.04
C ILE A 338 -34.35 12.47 -4.56
N LEU A 339 -34.65 11.36 -5.21
CA LEU A 339 -33.64 10.54 -5.93
C LEU A 339 -33.71 10.95 -7.40
N ALA A 340 -32.79 11.83 -7.84
CA ALA A 340 -32.78 12.35 -9.21
C ALA A 340 -31.42 12.95 -9.48
N GLU A 341 -31.17 13.21 -10.76
CA GLU A 341 -30.01 14.03 -11.17
C GLU A 341 -30.14 15.34 -10.38
N PRO A 342 -29.13 15.73 -9.56
CA PRO A 342 -29.31 16.86 -8.66
C PRO A 342 -29.55 18.21 -9.35
N GLY A 343 -28.95 18.46 -10.51
CA GLY A 343 -29.18 19.73 -11.25
C GLY A 343 -30.67 19.89 -11.58
N ALA A 344 -31.29 18.83 -12.11
CA ALA A 344 -32.72 18.80 -12.49
C ALA A 344 -33.58 19.04 -11.26
N ALA A 345 -33.26 18.38 -10.16
CA ALA A 345 -33.98 18.55 -8.89
C ALA A 345 -33.89 20.01 -8.42
N LEU A 346 -32.69 20.57 -8.40
CA LEU A 346 -32.48 21.96 -7.94
C LEU A 346 -33.26 22.94 -8.84
N ALA A 347 -33.20 22.75 -10.16
CA ALA A 347 -33.89 23.66 -11.12
C ALA A 347 -35.40 23.56 -10.90
N ALA A 348 -35.93 22.35 -10.71
CA ALA A 348 -37.36 22.10 -10.56
C ALA A 348 -37.87 22.84 -9.31
N ILE A 349 -37.12 22.77 -8.23
CA ILE A 349 -37.53 23.41 -6.93
C ILE A 349 -37.45 24.92 -7.07
N ALA A 350 -36.37 25.43 -7.67
CA ALA A 350 -36.23 26.86 -8.04
C ALA A 350 -37.47 27.28 -8.83
N ASP A 351 -37.85 26.54 -9.89
CA ASP A 351 -39.03 26.93 -10.71
C ASP A 351 -40.31 26.99 -9.84
N ALA A 352 -40.49 26.06 -8.91
CA ALA A 352 -41.68 25.93 -8.05
C ALA A 352 -41.71 27.10 -7.07
N LEU A 353 -40.58 27.74 -6.83
CA LEU A 353 -40.51 28.91 -5.92
C LEU A 353 -40.59 30.22 -6.73
N LYS A 354 -41.06 30.16 -7.97
CA LYS A 354 -41.22 31.32 -8.90
C LYS A 354 -41.74 32.56 -8.19
N ASP A 355 -42.87 32.48 -7.51
CA ASP A 355 -43.50 33.70 -6.96
C ASP A 355 -43.23 33.81 -5.47
N HIS A 356 -42.25 33.10 -4.94
CA HIS A 356 -41.91 33.20 -3.51
C HIS A 356 -41.00 34.40 -3.30
N THR A 357 -41.27 35.24 -2.31
CA THR A 357 -40.31 36.26 -1.87
C THR A 357 -39.61 35.71 -0.63
N PRO A 358 -38.35 35.23 -0.70
CA PRO A 358 -37.73 34.65 0.50
C PRO A 358 -37.44 35.71 1.57
N ASP A 359 -37.50 35.26 2.82
CA ASP A 359 -37.04 35.98 4.03
C ASP A 359 -35.53 35.76 4.17
N THR A 360 -34.70 36.72 3.79
CA THR A 360 -33.23 36.54 3.77
C THR A 360 -32.57 37.10 5.04
N SER A 361 -33.29 37.54 6.06
CA SER A 361 -32.65 38.32 7.14
C SER A 361 -31.60 37.48 7.85
N TRP A 362 -31.87 36.20 8.11
CA TRP A 362 -30.89 35.33 8.83
C TRP A 362 -29.65 35.17 7.94
N ARG A 363 -29.86 34.74 6.68
CA ARG A 363 -28.73 34.54 5.73
C ARG A 363 -27.88 35.81 5.66
N ASP A 364 -28.55 36.98 5.58
CA ASP A 364 -27.88 38.31 5.39
C ASP A 364 -27.09 38.68 6.64
N GLU A 365 -27.59 38.38 7.81
CA GLU A 365 -26.86 38.68 9.07
C GLU A 365 -25.61 37.81 9.13
N LEU A 366 -25.71 36.54 8.73
CA LEU A 366 -24.54 35.63 8.69
C LEU A 366 -23.54 36.19 7.66
N LYS A 367 -24.05 36.59 6.48
CA LYS A 367 -23.15 37.02 5.38
C LYS A 367 -22.37 38.26 5.84
N ALA A 368 -23.03 39.24 6.49
CA ALA A 368 -22.34 40.45 7.00
C ALA A 368 -21.24 40.03 7.97
N LYS A 369 -21.48 39.12 8.90
CA LYS A 369 -20.44 38.70 9.88
C LYS A 369 -19.35 37.90 9.18
N HIS A 370 -19.75 37.04 8.22
CA HIS A 370 -18.81 36.18 7.44
C HIS A 370 -17.80 37.07 6.70
N ARG A 371 -18.30 38.11 6.05
CA ARG A 371 -17.43 39.02 5.25
C ARG A 371 -16.24 39.46 6.09
N LYS A 372 -16.54 40.00 7.28
CA LYS A 372 -15.51 40.52 8.21
C LYS A 372 -14.61 39.36 8.67
N ARG A 373 -15.19 38.27 9.16
CA ARG A 373 -14.40 37.17 9.79
C ARG A 373 -13.44 36.58 8.73
N ALA A 374 -13.94 36.31 7.52
CA ALA A 374 -13.12 35.70 6.45
C ALA A 374 -12.05 36.69 5.97
N GLU A 375 -12.40 37.99 5.85
CA GLU A 375 -11.44 39.00 5.34
C GLU A 375 -10.32 39.20 6.39
N ASP A 376 -10.70 39.32 7.66
CA ASP A 376 -9.72 39.46 8.77
C ASP A 376 -8.81 38.24 8.78
N TYR A 377 -9.38 37.04 8.60
CA TYR A 377 -8.60 35.78 8.66
C TYR A 377 -7.58 35.81 7.50
N ARG A 378 -8.05 36.09 6.30
CA ARG A 378 -7.23 36.05 5.07
C ARG A 378 -6.11 37.08 5.18
N GLN A 379 -6.41 38.28 5.69
CA GLN A 379 -5.40 39.35 5.84
C GLN A 379 -4.32 38.88 6.82
N ALA A 380 -4.72 38.25 7.92
CA ALA A 380 -3.76 37.90 8.98
C ALA A 380 -2.82 36.78 8.49
N LEU A 381 -3.17 36.02 7.44
CA LEU A 381 -2.29 34.95 6.89
C LEU A 381 -0.94 35.51 6.44
N HIS A 382 -0.85 36.77 5.98
CA HIS A 382 0.34 37.46 5.39
C HIS A 382 1.32 37.80 6.50
N SER A 383 0.91 37.84 7.75
CA SER A 383 1.80 38.30 8.82
C SER A 383 1.79 37.37 10.03
N THR A 384 1.28 36.14 9.94
CA THR A 384 1.30 35.22 11.11
C THR A 384 2.73 35.10 11.68
N GLU A 385 2.91 35.30 12.99
CA GLU A 385 4.21 35.20 13.68
C GLU A 385 4.76 33.77 13.63
N ASN A 386 6.07 33.66 13.65
CA ASN A 386 6.79 32.40 13.94
C ASN A 386 6.37 31.81 15.30
N GLY A 387 6.33 30.48 15.40
CA GLY A 387 6.16 29.82 16.70
C GLY A 387 7.33 30.07 17.64
N ALA A 388 7.23 29.57 18.87
CA ALA A 388 8.23 29.74 19.95
C ALA A 388 9.53 29.05 19.55
N ASP A 389 9.50 28.05 18.66
CA ASP A 389 10.71 27.37 18.15
C ASP A 389 11.39 28.21 17.05
N GLY A 390 10.87 29.39 16.74
CA GLY A 390 11.43 30.30 15.73
C GLY A 390 11.13 29.89 14.30
N HIS A 391 10.21 28.96 14.06
CA HIS A 391 9.94 28.49 12.68
C HIS A 391 8.65 29.07 12.17
N ILE A 392 8.50 28.96 10.87
CA ILE A 392 7.37 29.56 10.11
C ILE A 392 6.05 28.92 10.59
N HIS A 393 5.03 29.75 10.83
CA HIS A 393 3.64 29.27 10.94
C HIS A 393 3.11 28.88 9.56
N PRO A 394 2.52 27.68 9.41
CA PRO A 394 2.09 27.18 8.11
C PRO A 394 1.08 28.11 7.44
N ASN A 395 0.37 28.93 8.21
CA ASN A 395 -0.61 29.89 7.62
C ASN A 395 0.11 30.81 6.65
N ARG A 396 1.40 31.07 6.87
CA ARG A 396 2.18 31.96 5.97
C ARG A 396 2.24 31.35 4.57
N ILE A 397 2.17 30.03 4.43
CA ILE A 397 2.12 29.43 3.06
C ILE A 397 0.86 29.95 2.31
N PHE A 398 -0.27 30.00 2.98
CA PHE A 398 -1.56 30.40 2.36
C PHE A 398 -1.55 31.89 2.13
N GLY A 399 -0.93 32.62 3.05
CA GLY A 399 -0.72 34.07 2.91
C GLY A 399 0.09 34.38 1.66
N ALA A 400 1.17 33.62 1.44
CA ALA A 400 2.09 33.82 0.30
C ALA A 400 1.33 33.54 -1.00
N LEU A 401 0.59 32.44 -1.04
CA LEU A 401 -0.23 32.07 -2.21
C LEU A 401 -1.25 33.17 -2.52
N ASP A 402 -1.91 33.71 -1.48
CA ASP A 402 -2.94 34.77 -1.64
CA ASP A 402 -2.95 34.76 -1.65
C ASP A 402 -2.27 36.01 -2.22
N ALA A 403 -1.06 36.35 -1.74
CA ALA A 403 -0.29 37.53 -2.23
C ALA A 403 0.10 37.34 -3.71
N LEU A 404 0.34 36.14 -4.19
CA LEU A 404 0.76 35.92 -5.58
C LEU A 404 -0.41 35.93 -6.55
N ASP A 405 -1.62 35.82 -6.04
CA ASP A 405 -2.84 35.75 -6.87
C ASP A 405 -2.91 37.00 -7.75
N GLY A 406 -3.00 36.82 -9.06
CA GLY A 406 -3.16 37.91 -10.02
C GLY A 406 -1.82 38.53 -10.35
N ASP A 407 -0.76 38.05 -9.71
CA ASP A 407 0.64 38.40 -10.00
C ASP A 407 1.15 37.29 -10.95
N VAL A 408 1.58 36.16 -10.42
CA VAL A 408 2.17 35.07 -11.26
C VAL A 408 1.23 33.89 -11.31
N LEU A 409 0.13 33.91 -10.57
CA LEU A 409 -0.87 32.84 -10.82
C LEU A 409 -2.27 33.33 -10.52
N ASP A 410 -3.19 32.65 -11.17
CA ASP A 410 -4.61 32.96 -11.05
C ASP A 410 -5.18 31.85 -10.17
N LEU A 411 -5.38 32.13 -8.89
CA LEU A 411 -5.86 31.10 -7.96
C LEU A 411 -7.25 30.60 -8.42
N GLY A 412 -8.02 31.50 -9.03
CA GLY A 412 -9.38 31.20 -9.53
C GLY A 412 -9.34 30.15 -10.63
N GLU A 413 -8.18 29.94 -11.26
CA GLU A 413 -8.04 28.92 -12.32
C GLU A 413 -7.16 27.76 -11.78
N THR A 414 -6.76 27.81 -10.51
CA THR A 414 -5.75 26.87 -9.98
C THR A 414 -6.46 25.68 -9.31
N ILE A 415 -5.96 24.48 -9.52
CA ILE A 415 -6.37 23.29 -8.73
C ILE A 415 -5.47 23.22 -7.51
N MET A 416 -6.07 23.28 -6.34
CA MET A 416 -5.43 23.30 -5.03
C MET A 416 -5.65 21.95 -4.37
N ILE A 417 -4.61 21.40 -3.79
CA ILE A 417 -4.63 20.09 -3.10
C ILE A 417 -4.07 20.29 -1.71
N ALA A 418 -4.68 19.67 -0.69
CA ALA A 418 -4.15 19.75 0.68
C ALA A 418 -4.06 18.35 1.29
N ASP A 419 -3.12 18.14 2.18
CA ASP A 419 -2.86 16.77 2.75
C ASP A 419 -2.07 16.92 4.06
N GLY A 420 -2.22 16.00 4.99
CA GLY A 420 -1.50 16.05 6.28
C GLY A 420 -2.48 16.15 7.43
N GLY A 421 -2.01 16.66 8.56
CA GLY A 421 -2.79 16.70 9.80
C GLY A 421 -3.15 18.14 10.12
N ASP A 422 -2.32 18.77 10.95
CA ASP A 422 -2.44 20.23 11.20
C ASP A 422 -2.37 20.98 9.85
N LEU A 423 -1.48 20.59 8.93
CA LEU A 423 -1.37 21.33 7.64
C LEU A 423 -2.74 21.33 6.94
N LEU A 424 -3.38 20.16 6.86
CA LEU A 424 -4.67 19.97 6.16
C LEU A 424 -5.75 20.88 6.78
N SER A 425 -5.83 20.93 8.10
CA SER A 425 -6.84 21.72 8.83
C SER A 425 -6.57 23.20 8.56
N PHE A 426 -5.31 23.65 8.59
CA PHE A 426 -4.98 25.07 8.24
C PHE A 426 -5.35 25.33 6.78
N GLY A 427 -5.14 24.35 5.91
CA GLY A 427 -5.42 24.47 4.46
C GLY A 427 -6.89 24.73 4.21
N ARG A 428 -7.78 24.17 5.04
CA ARG A 428 -9.24 24.24 4.80
C ARG A 428 -9.69 25.70 4.96
N LEU A 429 -9.05 26.44 5.85
CA LEU A 429 -9.33 27.90 6.05
C LEU A 429 -8.46 28.76 5.10
N GLY A 430 -7.25 28.31 4.75
CA GLY A 430 -6.25 29.14 4.04
C GLY A 430 -6.43 29.10 2.55
N ILE A 431 -7.06 28.04 2.05
CA ILE A 431 -7.44 27.87 0.62
C ILE A 431 -8.89 28.32 0.42
N THR A 432 -9.08 29.53 -0.12
CA THR A 432 -10.41 30.15 -0.32
C THR A 432 -10.70 30.36 -1.80
N LYS A 433 -9.71 30.61 -2.64
CA LYS A 433 -9.89 30.75 -4.11
C LYS A 433 -9.20 29.55 -4.73
N ALA A 434 -9.92 28.79 -5.49
CA ALA A 434 -9.37 27.63 -6.21
C ALA A 434 -10.40 27.35 -7.27
N ARG A 435 -10.02 26.98 -8.47
CA ARG A 435 -11.02 26.45 -9.41
C ARG A 435 -11.61 25.17 -8.78
N ARG A 436 -10.72 24.31 -8.28
CA ARG A 436 -11.09 22.99 -7.71
C ARG A 436 -10.18 22.72 -6.52
N TYR A 437 -10.71 21.94 -5.59
CA TYR A 437 -10.00 21.54 -4.36
C TYR A 437 -10.12 20.02 -4.23
N LEU A 438 -8.99 19.37 -3.92
CA LEU A 438 -8.90 17.94 -3.54
C LEU A 438 -8.16 17.82 -2.22
N ASP A 439 -8.46 16.78 -1.43
CA ASP A 439 -7.67 16.54 -0.20
C ASP A 439 -7.77 15.08 0.18
N ALA A 440 -7.31 14.77 1.38
CA ALA A 440 -7.24 13.43 2.01
C ALA A 440 -8.64 12.76 2.08
N GLY A 441 -9.73 13.52 1.94
CA GLY A 441 -11.06 12.90 1.83
C GLY A 441 -11.63 12.55 3.21
N ALA A 442 -12.87 12.09 3.24
CA ALA A 442 -13.53 11.57 4.47
C ALA A 442 -12.71 10.43 5.06
N PHE A 443 -11.97 9.70 4.21
CA PHE A 443 -11.12 8.59 4.66
C PHE A 443 -9.88 9.08 5.40
N GLY A 444 -9.51 10.36 5.37
CA GLY A 444 -8.24 10.84 5.97
C GLY A 444 -7.03 10.12 5.41
N CYS A 445 -7.01 10.00 4.08
CA CYS A 445 -5.99 9.23 3.34
C CYS A 445 -4.72 10.08 3.11
N LEU A 446 -3.78 10.08 4.06
CA LEU A 446 -2.46 10.73 3.91
C LEU A 446 -1.72 10.17 2.67
N GLY A 447 -1.07 11.06 1.94
CA GLY A 447 -0.18 10.71 0.82
C GLY A 447 -0.81 10.94 -0.52
N VAL A 448 -2.04 11.42 -0.55
CA VAL A 448 -2.74 11.70 -1.85
C VAL A 448 -2.14 12.93 -2.55
N ALA A 449 -1.43 13.84 -1.88
CA ALA A 449 -1.15 15.18 -2.45
C ALA A 449 -0.39 15.04 -3.78
N THR A 450 0.69 14.27 -3.80
CA THR A 450 1.57 14.25 -4.99
C THR A 450 0.85 13.54 -6.12
N PRO A 451 0.34 12.30 -5.93
CA PRO A 451 -0.42 11.60 -6.97
C PRO A 451 -1.64 12.40 -7.53
N PHE A 452 -2.39 13.03 -6.64
CA PHE A 452 -3.56 13.88 -7.00
C PHE A 452 -3.07 15.03 -7.89
N ALA A 453 -1.99 15.70 -7.47
CA ALA A 453 -1.42 16.85 -8.22
C ALA A 453 -1.00 16.38 -9.62
N ILE A 454 -0.39 15.21 -9.72
CA ILE A 454 0.01 14.65 -11.04
C ILE A 454 -1.22 14.37 -11.90
N GLY A 455 -2.27 13.71 -11.35
CA GLY A 455 -3.48 13.45 -12.14
C GLY A 455 -4.12 14.76 -12.58
N ALA A 456 -4.21 15.72 -11.66
CA ALA A 456 -4.79 17.05 -11.91
C ALA A 456 -4.02 17.77 -13.03
N ALA A 457 -2.66 17.75 -12.97
CA ALA A 457 -1.83 18.53 -13.92
C ALA A 457 -1.94 17.88 -15.30
N LEU A 458 -1.99 16.54 -15.39
CA LEU A 458 -2.07 15.89 -16.71
C LEU A 458 -3.47 16.11 -17.27
N ALA A 459 -4.49 16.25 -16.43
CA ALA A 459 -5.88 16.53 -16.92
C ALA A 459 -5.96 17.97 -17.47
N TYR A 460 -5.33 18.92 -16.78
CA TYR A 460 -5.42 20.37 -16.99
C TYR A 460 -4.02 20.93 -17.16
N PRO A 461 -3.38 20.67 -18.33
CA PRO A 461 -1.96 20.96 -18.54
C PRO A 461 -1.62 22.45 -18.62
N ASP A 462 -2.60 23.35 -18.67
CA ASP A 462 -2.29 24.76 -19.00
C ASP A 462 -1.77 25.57 -17.83
N ARG A 463 -2.07 25.16 -16.60
CA ARG A 463 -1.83 25.94 -15.36
C ARG A 463 -1.12 25.05 -14.35
N PRO A 464 -0.08 25.48 -13.58
CA PRO A 464 0.34 24.69 -12.42
C PRO A 464 -0.81 24.42 -11.41
N VAL A 465 -0.68 23.22 -10.87
CA VAL A 465 -1.47 22.65 -9.77
C VAL A 465 -0.61 22.81 -8.52
N VAL A 466 -1.21 23.26 -7.42
CA VAL A 466 -0.48 23.53 -6.15
C VAL A 466 -1.02 22.59 -5.08
N ALA A 467 -0.15 21.78 -4.52
CA ALA A 467 -0.45 20.79 -3.48
C ALA A 467 0.34 21.21 -2.26
N VAL A 468 -0.35 21.43 -1.16
CA VAL A 468 0.28 21.78 0.14
C VAL A 468 0.14 20.54 1.03
N THR A 469 1.23 20.07 1.61
CA THR A 469 1.24 18.79 2.37
C THR A 469 2.05 18.90 3.66
N GLY A 470 1.62 18.18 4.68
CA GLY A 470 2.47 17.82 5.82
C GLY A 470 3.65 16.99 5.36
N ASP A 471 4.73 17.01 6.15
CA ASP A 471 5.95 16.19 5.90
C ASP A 471 5.66 14.69 6.10
N GLY A 472 4.84 14.35 7.12
CA GLY A 472 4.39 12.98 7.39
C GLY A 472 3.69 12.41 6.18
N ALA A 473 2.61 13.06 5.76
CA ALA A 473 1.86 12.63 4.57
C ALA A 473 2.80 12.49 3.35
N PHE A 474 3.70 13.46 3.16
CA PHE A 474 4.59 13.49 1.99
C PHE A 474 5.46 12.23 1.87
N GLY A 475 5.98 11.70 2.98
CA GLY A 475 6.91 10.57 2.96
C GLY A 475 6.29 9.33 2.37
N ILE A 476 4.96 9.27 2.37
CA ILE A 476 4.23 8.07 1.87
C ILE A 476 4.37 8.00 0.33
N THR A 477 4.30 9.13 -0.39
CA THR A 477 4.27 9.11 -1.87
C THR A 477 5.34 10.01 -2.46
N ALA A 478 6.31 10.45 -1.69
CA ALA A 478 7.37 11.39 -2.15
C ALA A 478 8.03 10.91 -3.45
N THR A 479 8.26 9.61 -3.65
CA THR A 479 9.01 9.13 -4.83
C THR A 479 8.19 9.41 -6.11
N GLU A 480 6.89 9.71 -6.01
CA GLU A 480 6.09 10.11 -7.22
C GLU A 480 6.54 11.46 -7.76
N ILE A 481 7.38 12.21 -7.05
CA ILE A 481 8.04 13.41 -7.65
C ILE A 481 8.70 12.96 -8.96
N ASP A 482 9.32 11.79 -8.95
CA ASP A 482 9.96 11.20 -10.15
C ASP A 482 8.93 11.11 -11.29
N THR A 483 7.74 10.57 -11.02
CA THR A 483 6.65 10.45 -12.00
C THR A 483 6.34 11.83 -12.58
N ALA A 484 6.17 12.84 -11.73
CA ALA A 484 5.85 14.20 -12.19
C ALA A 484 6.91 14.68 -13.19
N VAL A 485 8.19 14.44 -12.88
CA VAL A 485 9.29 14.84 -13.77
C VAL A 485 9.24 14.03 -15.08
N ARG A 486 9.18 12.71 -15.01
CA ARG A 486 9.26 11.88 -16.23
C ARG A 486 8.06 12.17 -17.14
N HIS A 487 6.90 12.51 -16.61
CA HIS A 487 5.68 12.71 -17.45
C HIS A 487 5.43 14.20 -17.70
N ASP A 488 6.29 15.06 -17.17
CA ASP A 488 6.19 16.53 -17.25
C ASP A 488 4.84 17.05 -16.68
N ALA A 489 4.45 16.62 -15.49
CA ALA A 489 3.30 17.18 -14.76
C ALA A 489 3.76 18.43 -14.02
N LYS A 490 3.23 19.58 -14.39
CA LYS A 490 3.63 20.88 -13.84
C LYS A 490 2.94 21.05 -12.49
N ILE A 491 3.53 20.43 -11.47
CA ILE A 491 3.00 20.53 -10.08
C ILE A 491 3.96 21.39 -9.27
N VAL A 492 3.39 22.01 -8.25
CA VAL A 492 4.19 22.67 -7.19
C VAL A 492 3.77 22.01 -5.88
N VAL A 493 4.67 21.31 -5.24
CA VAL A 493 4.43 20.71 -3.90
C VAL A 493 5.08 21.60 -2.83
N ILE A 494 4.27 22.10 -1.91
CA ILE A 494 4.77 22.86 -0.74
C ILE A 494 4.62 22.02 0.51
N VAL A 495 5.75 21.72 1.17
CA VAL A 495 5.81 20.83 2.34
C VAL A 495 5.90 21.73 3.56
N SER A 496 4.96 21.55 4.51
CA SER A 496 5.04 22.08 5.89
C SER A 496 5.93 21.13 6.68
N ASN A 497 7.24 21.38 6.65
CA ASN A 497 8.28 20.51 7.27
C ASN A 497 8.39 20.93 8.74
N ASN A 498 7.55 20.35 9.62
CA ASN A 498 7.56 20.62 11.08
C ASN A 498 8.20 19.43 11.81
N ARG A 499 8.96 18.59 11.10
CA ARG A 499 9.79 17.51 11.72
C ARG A 499 8.91 16.59 12.60
N ALA A 500 7.68 16.36 12.22
CA ALA A 500 6.68 15.69 13.09
C ALA A 500 5.41 15.32 12.34
N TRP A 501 4.79 14.27 12.83
CA TRP A 501 3.34 14.01 12.67
C TRP A 501 2.61 14.91 13.70
N ASN A 502 2.48 16.19 13.42
CA ASN A 502 2.45 17.14 14.55
C ASN A 502 1.09 17.15 15.24
N ILE A 503 0.00 17.06 14.52
CA ILE A 503 -1.34 16.99 15.19
C ILE A 503 -1.37 15.82 16.20
N GLN A 504 -0.68 14.74 15.88
CA GLN A 504 -0.53 13.53 16.72
C GLN A 504 0.43 13.79 17.88
N ARG A 505 1.58 14.37 17.57
CA ARG A 505 2.57 14.74 18.62
C ARG A 505 1.90 15.62 19.67
N TYR A 506 1.05 16.55 19.24
CA TYR A 506 0.39 17.54 20.11
C TYR A 506 -0.63 16.81 20.99
N ASP A 507 -1.46 15.89 20.46
CA ASP A 507 -2.40 15.07 21.27
C ASP A 507 -1.64 14.25 22.33
N GLN A 508 -0.47 13.70 21.99
CA GLN A 508 0.35 12.91 22.94
C GLN A 508 0.75 13.85 24.07
N ALA A 509 1.45 14.95 23.75
CA ALA A 509 2.01 15.93 24.73
C ALA A 509 0.89 16.44 25.64
N GLU A 510 -0.25 16.81 25.09
CA GLU A 510 -1.33 17.52 25.81
C GLU A 510 -2.07 16.50 26.66
N ASN A 511 -2.42 15.35 26.13
CA ASN A 511 -3.33 14.40 26.84
C ASN A 511 -2.64 13.19 27.44
N TYR A 512 -1.34 12.98 27.26
CA TYR A 512 -0.68 11.78 27.84
C TYR A 512 0.65 12.18 28.54
N GLY A 513 1.12 13.40 28.36
CA GLY A 513 2.40 13.84 28.90
C GLY A 513 3.53 12.98 28.41
N LEU A 514 3.37 12.29 27.27
CA LEU A 514 4.44 11.42 26.75
C LEU A 514 4.38 11.46 25.23
N VAL A 515 5.41 12.06 24.66
CA VAL A 515 5.61 12.16 23.18
C VAL A 515 6.55 11.03 22.85
N VAL A 516 6.17 10.15 21.94
CA VAL A 516 7.03 8.99 21.56
C VAL A 516 6.55 8.48 20.20
N GLY A 517 7.48 8.21 19.29
CA GLY A 517 7.18 7.74 17.93
C GLY A 517 6.31 8.67 17.09
N THR A 518 6.25 9.99 17.37
CA THR A 518 5.52 10.95 16.51
C THR A 518 6.47 12.04 15.96
N ASP A 519 7.74 12.06 16.36
CA ASP A 519 8.77 12.95 15.81
C ASP A 519 9.34 12.38 14.50
N LEU A 520 9.55 13.24 13.52
CA LEU A 520 10.36 12.91 12.34
C LEU A 520 11.65 13.75 12.41
N ALA A 521 12.36 13.93 11.31
CA ALA A 521 13.63 14.68 11.32
C ALA A 521 13.51 15.92 10.40
N ASP A 522 14.55 16.74 10.44
CA ASP A 522 14.66 17.94 9.57
C ASP A 522 15.17 17.48 8.21
N SER A 523 14.39 16.66 7.51
CA SER A 523 14.81 16.05 6.22
C SER A 523 14.86 17.14 5.12
N ASP A 524 15.75 16.95 4.15
CA ASP A 524 15.88 17.85 2.97
C ASP A 524 14.92 17.41 1.88
N TYR A 525 13.64 17.73 2.00
CA TYR A 525 12.65 17.36 0.94
C TYR A 525 12.98 18.10 -0.38
N ALA A 526 13.54 19.29 -0.35
CA ALA A 526 14.01 19.99 -1.60
C ALA A 526 15.07 19.11 -2.33
N GLY A 527 16.02 18.59 -1.55
CA GLY A 527 17.07 17.69 -2.05
C GLY A 527 16.49 16.40 -2.61
N VAL A 528 15.46 15.85 -1.97
CA VAL A 528 14.77 14.64 -2.51
C VAL A 528 14.19 14.99 -3.89
N ALA A 529 13.47 16.09 -3.98
CA ALA A 529 12.90 16.57 -5.24
C ALA A 529 14.02 16.71 -6.29
N ARG A 530 15.12 17.39 -5.96
CA ARG A 530 16.22 17.59 -6.92
C ARG A 530 16.84 16.23 -7.30
N ALA A 531 16.91 15.28 -6.38
CA ALA A 531 17.48 13.94 -6.68
C ALA A 531 16.66 13.26 -7.78
N PHE A 532 15.37 13.58 -7.90
CA PHE A 532 14.46 13.03 -8.95
C PHE A 532 14.22 14.02 -10.10
N GLY A 533 15.07 15.04 -10.20
CA GLY A 533 15.15 15.93 -11.39
C GLY A 533 14.10 17.05 -11.35
N ALA A 534 13.44 17.29 -10.23
CA ALA A 534 12.48 18.39 -10.03
C ALA A 534 13.28 19.58 -9.50
N HIS A 535 12.73 20.78 -9.60
CA HIS A 535 13.24 21.99 -8.95
C HIS A 535 12.95 21.85 -7.46
N GLY A 536 13.88 22.26 -6.62
CA GLY A 536 13.68 22.22 -5.19
C GLY A 536 14.42 23.33 -4.51
N GLU A 537 13.79 23.85 -3.48
CA GLU A 537 14.31 24.93 -2.64
C GLU A 537 13.74 24.76 -1.23
N ARG A 538 14.55 25.11 -0.25
CA ARG A 538 14.17 25.21 1.16
C ARG A 538 13.91 26.67 1.57
N VAL A 539 12.94 26.87 2.46
CA VAL A 539 12.57 28.18 3.01
C VAL A 539 12.57 28.08 4.54
N THR A 540 13.32 28.97 5.20
CA THR A 540 13.36 29.09 6.68
C THR A 540 12.87 30.46 7.11
N ASP A 541 12.92 31.45 6.21
CA ASP A 541 12.51 32.85 6.48
C ASP A 541 11.15 33.05 5.84
N PRO A 542 10.10 33.41 6.59
CA PRO A 542 8.77 33.54 6.00
C PRO A 542 8.73 34.61 4.89
N ALA A 543 9.58 35.64 4.98
CA ALA A 543 9.68 36.70 3.95
C ALA A 543 10.14 36.13 2.60
N GLU A 544 10.74 34.93 2.57
CA GLU A 544 11.26 34.33 1.32
C GLU A 544 10.16 33.54 0.61
N LEU A 545 8.99 33.38 1.22
CA LEU A 545 8.00 32.36 0.76
C LEU A 545 7.45 32.74 -0.61
N GLU A 546 7.07 34.01 -0.76
CA GLU A 546 6.44 34.51 -2.02
C GLU A 546 7.42 34.24 -3.18
N GLY A 547 8.69 34.59 -2.97
CA GLY A 547 9.77 34.40 -3.98
C GLY A 547 9.95 32.94 -4.32
N ALA A 548 10.03 32.08 -3.30
CA ALA A 548 10.28 30.64 -3.46
C ALA A 548 9.10 30.04 -4.22
N ILE A 549 7.88 30.46 -3.91
CA ILE A 549 6.67 29.90 -4.59
C ILE A 549 6.64 30.45 -6.03
N ARG A 550 6.99 31.73 -6.25
CA ARG A 550 7.14 32.31 -7.61
CA ARG A 550 7.14 32.31 -7.61
C ARG A 550 8.14 31.47 -8.41
N ARG A 551 9.33 31.21 -7.88
CA ARG A 551 10.36 30.43 -8.62
C ARG A 551 9.86 28.99 -8.87
N ALA A 552 9.14 28.39 -7.91
CA ALA A 552 8.60 27.02 -8.07
C ALA A 552 7.60 27.00 -9.24
N LEU A 553 6.72 27.99 -9.31
CA LEU A 553 5.70 28.09 -10.39
C LEU A 553 6.37 28.27 -11.76
N ALA A 554 7.48 28.99 -11.85
CA ALA A 554 8.18 29.20 -13.15
C ALA A 554 9.00 27.97 -13.55
N ASN A 555 9.18 27.00 -12.65
CA ASN A 555 10.13 25.87 -12.85
C ASN A 555 9.48 24.55 -12.44
N ALA A 556 8.19 24.43 -12.61
CA ALA A 556 7.42 23.22 -12.27
C ALA A 556 7.81 22.08 -13.24
N PRO A 557 7.86 20.80 -12.81
CA PRO A 557 7.58 20.39 -11.44
C PRO A 557 8.64 20.81 -10.41
N ALA A 558 8.17 21.25 -9.24
CA ALA A 558 9.01 21.92 -8.22
C ALA A 558 8.47 21.59 -6.82
N LEU A 559 9.37 21.57 -5.83
CA LEU A 559 9.02 21.42 -4.41
C LEU A 559 9.62 22.59 -3.62
N VAL A 560 8.81 23.15 -2.73
CA VAL A 560 9.24 24.16 -1.72
C VAL A 560 9.14 23.51 -0.34
N ASP A 561 10.27 23.37 0.33
CA ASP A 561 10.38 22.67 1.61
C ASP A 561 10.41 23.75 2.68
N VAL A 562 9.26 23.99 3.32
CA VAL A 562 9.10 25.08 4.31
C VAL A 562 9.34 24.56 5.72
N VAL A 563 10.34 25.09 6.38
CA VAL A 563 10.66 24.71 7.78
C VAL A 563 9.64 25.39 8.66
N THR A 564 8.66 24.60 9.12
CA THR A 564 7.52 25.15 9.89
C THR A 564 7.61 24.79 11.38
N THR A 565 6.84 25.54 12.16
CA THR A 565 6.79 25.45 13.64
C THR A 565 6.02 24.17 14.05
N GLN A 566 6.40 23.62 15.20
CA GLN A 566 5.58 22.66 15.97
C GLN A 566 4.62 23.42 16.89
N ASP A 567 4.80 24.74 17.14
CA ASP A 567 3.98 25.51 18.13
C ASP A 567 2.85 26.21 17.36
N ALA A 568 1.84 25.46 16.98
CA ALA A 568 0.68 25.87 16.16
C ALA A 568 -0.33 24.75 16.18
N ALA A 569 -1.49 24.98 16.76
CA ALA A 569 -2.62 24.03 16.83
C ALA A 569 -3.61 24.47 15.75
N SER A 570 -3.93 23.58 14.82
CA SER A 570 -5.02 23.81 13.83
C SER A 570 -6.36 23.77 14.56
N PRO A 571 -7.46 24.23 13.93
CA PRO A 571 -8.78 23.97 14.47
C PRO A 571 -9.07 22.49 14.74
N ASP A 572 -8.65 21.57 13.87
CA ASP A 572 -8.93 20.12 14.07
C ASP A 572 -8.27 19.66 15.38
N SER A 573 -7.05 20.14 15.62
CA SER A 573 -6.23 19.83 16.81
C SER A 573 -6.98 20.26 18.08
N GLY A 574 -7.45 21.50 18.13
CA GLY A 574 -8.17 22.07 19.28
C GLY A 574 -9.43 21.30 19.55
N LYS A 575 -10.05 20.66 18.54
CA LYS A 575 -11.38 20.03 18.68
C LYS A 575 -11.31 18.52 18.95
N GLY A 576 -10.17 17.97 19.29
CA GLY A 576 -10.07 16.59 19.77
C GLY A 576 -10.08 15.56 18.64
N LEU A 577 -9.79 15.95 17.39
CA LEU A 577 -9.87 14.97 16.27
C LEU A 577 -9.01 13.76 16.61
N GLY A 578 -7.85 14.01 17.22
CA GLY A 578 -6.82 13.01 17.59
C GLY A 578 -7.29 12.05 18.66
N PHE A 579 -8.32 12.39 19.41
CA PHE A 579 -8.73 11.64 20.62
C PHE A 579 -9.71 10.49 20.27
N VAL A 580 -10.46 10.62 19.20
CA VAL A 580 -11.52 9.65 18.81
C VAL A 580 -12.55 9.46 19.94
N PRO A 581 -13.43 10.46 20.21
CA PRO A 581 -14.51 10.29 21.18
C PRO A 581 -15.49 9.16 20.81
N ASP A 582 -16.35 8.79 21.74
CA ASP A 582 -17.27 7.63 21.61
C ASP A 582 -18.26 7.83 20.45
N TYR A 583 -18.81 9.04 20.25
CA TYR A 583 -20.06 9.25 19.46
C TYR A 583 -19.87 10.13 18.22
N GLN A 584 -18.90 11.03 18.27
CA GLN A 584 -18.68 12.05 17.21
C GLN A 584 -17.16 12.19 17.03
N ALA A 585 -16.70 12.63 15.86
CA ALA A 585 -15.25 12.76 15.57
C ALA A 585 -14.62 13.88 16.42
N LEU A 586 -15.40 14.88 16.83
CA LEU A 586 -14.88 16.11 17.50
C LEU A 586 -15.49 16.21 18.90
N THR A 587 -14.70 16.63 19.89
CA THR A 587 -15.13 16.85 21.30
C THR A 587 -16.40 17.69 21.41
N PRO A 588 -16.48 18.90 20.84
CA PRO A 588 -17.67 19.74 21.05
C PRO A 588 -18.95 18.98 20.66
N TRP A 589 -18.96 18.38 19.45
CA TRP A 589 -20.06 17.54 18.95
C TRP A 589 -20.30 16.34 19.85
N ASN A 590 -19.25 15.71 20.32
CA ASN A 590 -19.39 14.57 21.27
C ASN A 590 -20.10 15.05 22.54
N ASP A 591 -19.68 16.19 23.11
CA ASP A 591 -20.28 16.78 24.34
C ASP A 591 -21.77 17.01 24.07
N ALA A 592 -22.11 17.50 22.89
CA ALA A 592 -23.53 17.76 22.56
C ALA A 592 -24.32 16.43 22.50
N GLU A 593 -23.67 15.39 21.95
CA GLU A 593 -24.27 14.04 21.85
C GLU A 593 -24.47 13.45 23.27
N VAL A 594 -23.49 13.62 24.17
CA VAL A 594 -23.58 13.07 25.56
C VAL A 594 -24.79 13.68 26.25
N ALA A 595 -25.00 15.00 26.11
CA ALA A 595 -26.16 15.75 26.64
C ALA A 595 -27.44 15.18 26.03
N ARG A 596 -27.45 14.94 24.71
CA ARG A 596 -28.67 14.45 24.03
C ARG A 596 -29.10 13.09 24.62
N ARG A 597 -28.14 12.24 25.00
CA ARG A 597 -28.46 10.87 25.49
C ARG A 597 -29.11 10.90 26.88
N GLN A 598 -29.04 11.98 27.66
CA GLN A 598 -29.50 11.99 29.10
C GLN A 598 -30.78 12.80 29.31
N GLU A 599 -31.32 13.39 28.25
CA GLU A 599 -32.68 14.01 28.27
C GLU A 599 -33.61 13.07 29.04
N ARG B 27 -3.30 -8.40 41.13
CA ARG B 27 -3.87 -7.80 39.84
C ARG B 27 -4.84 -6.69 40.25
N GLN B 28 -4.88 -5.57 39.51
CA GLN B 28 -5.98 -4.59 39.65
C GLN B 28 -6.78 -4.43 38.36
N SER B 29 -7.89 -3.73 38.48
CA SER B 29 -8.70 -3.24 37.35
C SER B 29 -7.86 -2.25 36.53
N VAL B 30 -7.62 -2.53 35.24
CA VAL B 30 -6.80 -1.67 34.32
C VAL B 30 -7.49 -1.62 32.95
N PRO B 31 -7.24 -0.58 32.13
CA PRO B 31 -7.86 -0.51 30.82
C PRO B 31 -7.36 -1.62 29.89
N VAL B 32 -8.19 -1.96 28.89
CA VAL B 32 -7.84 -2.95 27.84
C VAL B 32 -6.48 -2.54 27.27
N ALA B 33 -6.27 -1.24 26.98
CA ALA B 33 -5.00 -0.74 26.37
C ALA B 33 -3.78 -1.21 27.18
N SER B 34 -3.81 -1.15 28.53
CA SER B 34 -2.69 -1.58 29.42
C SER B 34 -2.46 -3.08 29.30
N LEU B 35 -3.54 -3.85 29.38
CA LEU B 35 -3.50 -5.34 29.34
C LEU B 35 -2.93 -5.81 28.02
N VAL B 36 -3.27 -5.12 26.92
CA VAL B 36 -2.69 -5.45 25.60
C VAL B 36 -1.17 -5.25 25.62
N ALA B 37 -0.69 -4.09 26.10
CA ALA B 37 0.76 -3.78 26.24
C ALA B 37 1.44 -4.89 27.06
N GLU B 38 0.81 -5.31 28.15
CA GLU B 38 1.37 -6.34 29.05
C GLU B 38 1.41 -7.71 28.38
N PHE B 39 0.31 -8.10 27.73
CA PHE B 39 0.27 -9.35 26.94
C PHE B 39 1.48 -9.40 26.02
N LEU B 40 1.73 -8.30 25.31
CA LEU B 40 2.78 -8.32 24.26
C LEU B 40 4.13 -8.53 24.92
N GLN B 41 4.42 -7.74 25.96
CA GLN B 41 5.74 -7.79 26.64
C GLN B 41 5.92 -9.18 27.26
N GLU B 42 4.93 -9.69 27.96
CA GLU B 42 5.00 -11.07 28.53
C GLU B 42 5.20 -12.14 27.43
N HIS B 43 4.67 -11.96 26.23
CA HIS B 43 4.81 -12.94 25.11
C HIS B 43 6.19 -12.79 24.45
N GLY B 44 7.05 -11.89 24.96
CA GLY B 44 8.44 -11.76 24.54
C GLY B 44 8.60 -10.64 23.51
N VAL B 45 7.61 -9.77 23.38
CA VAL B 45 7.73 -8.64 22.42
C VAL B 45 8.52 -7.51 23.09
N ASP B 46 9.68 -7.18 22.56
CA ASP B 46 10.51 -6.05 23.08
C ASP B 46 10.54 -4.86 22.09
N ARG B 47 9.84 -4.95 20.96
CA ARG B 47 9.75 -3.84 19.98
C ARG B 47 8.43 -3.99 19.22
N VAL B 48 7.81 -2.88 18.89
CA VAL B 48 6.60 -2.83 18.00
C VAL B 48 6.90 -1.87 16.84
N PHE B 49 6.67 -2.33 15.62
CA PHE B 49 6.83 -1.53 14.39
C PHE B 49 5.48 -0.89 14.10
N GLY B 50 5.47 0.35 13.67
CA GLY B 50 4.19 0.95 13.27
C GLY B 50 4.26 2.42 12.96
N LEU B 51 3.09 3.03 12.89
CA LEU B 51 2.94 4.45 12.54
C LEU B 51 1.73 4.92 13.33
N GLN B 52 1.90 5.97 14.12
CA GLN B 52 0.93 6.35 15.17
C GLN B 52 -0.34 6.90 14.53
N GLY B 53 -1.50 6.60 15.13
CA GLY B 53 -2.76 7.31 14.93
C GLY B 53 -3.56 7.35 16.20
N GLY B 54 -4.58 8.20 16.25
CA GLY B 54 -5.42 8.34 17.44
C GLY B 54 -6.05 7.02 17.88
N HIS B 55 -6.40 6.15 16.95
CA HIS B 55 -7.19 4.91 17.25
C HIS B 55 -6.33 3.93 18.04
N ILE B 56 -4.99 4.05 17.94
CA ILE B 56 -4.04 3.09 18.59
C ILE B 56 -3.20 3.78 19.64
N GLN B 57 -3.30 5.12 19.77
CA GLN B 57 -2.51 5.89 20.76
C GLN B 57 -2.64 5.27 22.17
N PRO B 58 -3.83 4.84 22.63
CA PRO B 58 -3.92 4.24 23.97
C PRO B 58 -2.96 3.06 24.15
N ILE B 59 -2.81 2.21 23.14
CA ILE B 59 -1.84 1.07 23.24
C ILE B 59 -0.38 1.59 23.11
N TRP B 60 -0.15 2.43 22.10
CA TRP B 60 1.13 3.13 21.83
C TRP B 60 1.71 3.68 23.16
N ASP B 61 0.95 4.53 23.82
CA ASP B 61 1.33 5.09 25.15
C ASP B 61 1.76 3.98 26.13
N GLN B 62 0.96 2.93 26.28
CA GLN B 62 1.20 1.86 27.29
C GLN B 62 2.47 1.08 26.96
N LEU B 63 2.72 0.81 25.68
CA LEU B 63 3.95 0.13 25.27
C LEU B 63 5.16 0.99 25.71
N ALA B 64 5.16 2.28 25.40
CA ALA B 64 6.29 3.17 25.74
C ALA B 64 6.47 3.15 27.27
N ARG B 65 5.41 3.30 28.06
CA ARG B 65 5.51 3.31 29.55
C ARG B 65 6.07 1.96 30.04
N ARG B 66 5.83 0.86 29.35
CA ARG B 66 6.40 -0.44 29.78
C ARG B 66 7.82 -0.62 29.28
N GLY B 67 8.38 0.29 28.48
CA GLY B 67 9.75 0.11 27.98
C GLY B 67 9.79 -0.75 26.74
N VAL B 68 8.66 -1.04 26.09
CA VAL B 68 8.73 -1.68 24.76
C VAL B 68 9.18 -0.63 23.73
N ARG B 69 10.18 -0.96 22.93
CA ARG B 69 10.72 -0.02 21.93
C ARG B 69 9.68 0.16 20.85
N ILE B 70 9.36 1.38 20.49
CA ILE B 70 8.47 1.68 19.33
C ILE B 70 9.34 2.10 18.15
N VAL B 71 9.34 1.34 17.07
CA VAL B 71 10.04 1.64 15.82
C VAL B 71 9.01 2.23 14.84
N ASP B 72 8.92 3.57 14.80
CA ASP B 72 7.90 4.27 13.97
C ASP B 72 8.47 4.47 12.56
N VAL B 73 7.65 4.26 11.53
CA VAL B 73 8.06 4.14 10.11
C VAL B 73 7.41 5.27 9.29
N ARG B 74 7.68 5.28 7.99
CA ARG B 74 7.13 6.32 7.08
C ARG B 74 5.87 5.81 6.37
N ASP B 75 5.70 4.51 6.27
CA ASP B 75 4.56 3.84 5.59
C ASP B 75 4.28 2.55 6.35
N GLU B 76 3.06 2.36 6.84
CA GLU B 76 2.65 1.20 7.67
C GLU B 76 3.05 -0.13 6.99
N GLY B 77 3.04 -0.22 5.65
CA GLY B 77 3.46 -1.45 4.93
C GLY B 77 4.85 -1.89 5.37
N SER B 78 5.73 -0.92 5.58
CA SER B 78 7.13 -1.15 5.94
C SER B 78 7.22 -1.72 7.35
N ALA B 79 6.36 -1.30 8.25
CA ALA B 79 6.35 -1.81 9.63
C ALA B 79 6.04 -3.32 9.59
N VAL B 80 5.12 -3.73 8.73
CA VAL B 80 4.76 -5.17 8.65
C VAL B 80 5.89 -5.96 7.99
N HIS B 81 6.59 -5.37 7.01
CA HIS B 81 7.78 -5.96 6.38
C HIS B 81 8.86 -6.15 7.46
N MET B 82 9.04 -5.17 8.35
CA MET B 82 10.05 -5.22 9.42
C MET B 82 9.70 -6.37 10.38
N ALA B 83 8.42 -6.51 10.75
CA ALA B 83 7.96 -7.59 11.64
C ALA B 83 8.28 -8.93 10.98
N HIS B 84 7.95 -9.03 9.70
CA HIS B 84 8.16 -10.25 8.91
C HIS B 84 9.62 -10.64 9.05
N ALA B 85 10.56 -9.71 8.76
CA ALA B 85 12.01 -9.99 8.77
C ALA B 85 12.43 -10.43 10.18
N HIS B 86 11.88 -9.77 11.20
CA HIS B 86 12.23 -10.12 12.60
C HIS B 86 11.86 -11.58 12.89
N THR B 87 10.62 -11.97 12.58
CA THR B 87 10.12 -13.33 12.86
C THR B 87 10.91 -14.33 12.02
N GLU B 88 11.15 -14.04 10.74
CA GLU B 88 11.81 -15.02 9.83
C GLU B 88 13.22 -15.27 10.40
N LEU B 89 13.91 -14.23 10.85
CA LEU B 89 15.31 -14.40 11.33
C LEU B 89 15.38 -15.01 12.75
N THR B 90 14.60 -14.50 13.68
CA THR B 90 14.72 -14.78 15.11
C THR B 90 13.84 -15.96 15.53
N GLY B 91 12.72 -16.23 14.86
CA GLY B 91 11.72 -17.20 15.31
C GLY B 91 10.75 -16.66 16.35
N GLN B 92 10.90 -15.39 16.72
CA GLN B 92 10.02 -14.72 17.70
C GLN B 92 8.94 -14.01 16.89
N THR B 93 7.67 -14.30 17.16
CA THR B 93 6.54 -13.65 16.48
C THR B 93 6.68 -12.14 16.68
N ALA B 94 6.63 -11.37 15.60
CA ALA B 94 6.72 -9.90 15.68
C ALA B 94 5.36 -9.21 15.45
N VAL B 95 5.33 -7.91 15.75
CA VAL B 95 4.10 -7.11 15.94
C VAL B 95 4.23 -5.77 15.22
N ALA B 96 3.22 -5.47 14.43
CA ALA B 96 3.01 -4.17 13.76
C ALA B 96 1.72 -3.56 14.33
N MET B 97 1.69 -2.26 14.52
CA MET B 97 0.50 -1.55 15.04
C MET B 97 0.26 -0.31 14.16
N VAL B 98 -0.97 -0.20 13.67
CA VAL B 98 -1.33 0.80 12.64
C VAL B 98 -2.70 1.34 13.01
N THR B 99 -3.01 2.56 12.54
CA THR B 99 -4.31 3.17 12.87
C THR B 99 -5.37 2.69 11.88
N ALA B 100 -6.61 3.07 12.16
CA ALA B 100 -7.79 2.76 11.34
C ALA B 100 -7.68 3.30 9.91
N GLY B 101 -8.41 2.64 9.02
CA GLY B 101 -8.62 3.10 7.64
C GLY B 101 -7.34 2.92 6.88
N PRO B 102 -6.71 4.02 6.42
CA PRO B 102 -5.56 3.94 5.54
C PRO B 102 -4.35 3.34 6.27
N GLY B 103 -4.30 3.43 7.61
CA GLY B 103 -3.20 2.77 8.33
C GLY B 103 -3.28 1.25 8.11
N VAL B 104 -4.48 0.67 8.24
CA VAL B 104 -4.66 -0.78 8.02
C VAL B 104 -4.50 -1.13 6.52
N THR B 105 -5.12 -0.38 5.62
CA THR B 105 -5.12 -0.71 4.17
C THR B 105 -3.67 -0.59 3.65
N ASN B 106 -2.84 0.26 4.27
CA ASN B 106 -1.41 0.36 3.85
C ASN B 106 -0.62 -0.91 4.15
N THR B 107 -1.15 -1.84 4.96
CA THR B 107 -0.45 -3.10 5.35
C THR B 107 -0.75 -4.23 4.37
N VAL B 108 -1.72 -4.09 3.45
CA VAL B 108 -2.29 -5.31 2.78
C VAL B 108 -1.19 -6.04 1.99
N THR B 109 -0.34 -5.34 1.24
CA THR B 109 0.74 -6.02 0.49
C THR B 109 1.64 -6.82 1.47
N ALA B 110 2.08 -6.20 2.54
CA ALA B 110 3.07 -6.77 3.50
C ALA B 110 2.43 -7.96 4.24
N VAL B 111 1.12 -7.87 4.51
CA VAL B 111 0.33 -8.98 5.11
C VAL B 111 0.28 -10.14 4.07
N ALA B 112 -0.07 -9.84 2.83
CA ALA B 112 -0.14 -10.87 1.79
C ALA B 112 1.21 -11.58 1.67
N ASN B 113 2.30 -10.81 1.72
CA ASN B 113 3.66 -11.34 1.54
C ASN B 113 3.98 -12.30 2.70
N ALA B 114 3.62 -11.92 3.94
CA ALA B 114 3.80 -12.78 5.11
C ALA B 114 2.91 -14.03 5.00
N SER B 115 1.70 -13.88 4.45
CA SER B 115 0.77 -15.01 4.34
C SER B 115 1.38 -16.02 3.34
N VAL B 116 1.81 -15.54 2.18
CA VAL B 116 2.43 -16.40 1.15
C VAL B 116 3.66 -17.13 1.72
N SER B 117 4.47 -16.41 2.50
CA SER B 117 5.74 -16.94 3.05
C SER B 117 5.50 -17.77 4.35
N ARG B 118 4.29 -17.73 4.88
CA ARG B 118 3.88 -18.45 6.13
C ARG B 118 4.72 -17.99 7.32
N ILE B 119 4.74 -16.68 7.55
CA ILE B 119 5.50 -16.07 8.69
C ILE B 119 4.53 -15.62 9.77
N PRO B 120 4.61 -16.16 11.01
CA PRO B 120 3.81 -15.70 12.13
C PRO B 120 4.07 -14.20 12.36
N LEU B 121 2.99 -13.43 12.40
CA LEU B 121 3.08 -12.04 12.86
C LEU B 121 1.68 -11.51 13.22
N LEU B 122 1.67 -10.52 14.10
CA LEU B 122 0.44 -9.92 14.61
C LEU B 122 0.38 -8.46 14.15
N VAL B 123 -0.68 -8.10 13.46
CA VAL B 123 -1.01 -6.71 13.12
C VAL B 123 -2.14 -6.26 14.02
N ILE B 124 -1.96 -5.18 14.75
CA ILE B 124 -2.99 -4.59 15.64
C ILE B 124 -3.45 -3.32 14.94
N GLY B 125 -4.72 -3.29 14.54
CA GLY B 125 -5.28 -2.11 13.88
C GLY B 125 -6.16 -1.32 14.83
N GLY B 126 -6.19 -0.01 14.65
CA GLY B 126 -7.26 0.81 15.24
C GLY B 126 -8.56 0.63 14.51
N CYS B 127 -9.66 0.97 15.16
CA CYS B 127 -10.96 1.03 14.47
C CYS B 127 -11.94 1.88 15.26
N PRO B 128 -13.02 2.38 14.60
CA PRO B 128 -13.93 3.31 15.24
C PRO B 128 -14.67 2.72 16.44
N PRO B 129 -15.12 3.59 17.36
CA PRO B 129 -15.89 3.16 18.51
C PRO B 129 -17.15 2.43 18.07
N ILE B 130 -17.61 1.51 18.90
CA ILE B 130 -18.83 0.70 18.65
C ILE B 130 -20.05 1.54 18.40
N PRO B 131 -20.34 2.62 19.17
CA PRO B 131 -21.58 3.38 18.97
C PRO B 131 -21.74 3.92 17.53
N GLN B 132 -20.64 4.17 16.85
CA GLN B 132 -20.65 4.82 15.50
C GLN B 132 -20.62 3.76 14.36
N SER B 133 -20.70 2.47 14.65
CA SER B 133 -20.63 1.40 13.61
C SER B 133 -21.61 1.72 12.48
N ASN B 134 -21.11 1.66 11.23
CA ASN B 134 -21.87 1.80 9.96
C ASN B 134 -22.37 3.24 9.73
N MET B 135 -22.00 4.21 10.56
CA MET B 135 -22.60 5.57 10.46
C MET B 135 -21.69 6.52 9.65
N GLY B 136 -20.60 6.02 9.07
CA GLY B 136 -19.60 6.87 8.39
C GLY B 136 -18.75 7.64 9.40
N PRO B 137 -18.31 7.01 10.52
CA PRO B 137 -17.32 7.63 11.39
C PRO B 137 -16.02 7.67 10.59
N LEU B 138 -15.08 8.46 11.08
CA LEU B 138 -13.73 8.53 10.48
C LEU B 138 -13.14 7.14 10.40
N GLN B 139 -12.88 6.70 9.16
CA GLN B 139 -12.14 5.46 8.78
C GLN B 139 -12.88 4.18 9.14
N ASP B 140 -14.21 4.13 9.02
CA ASP B 140 -14.97 2.87 9.18
C ASP B 140 -14.98 2.18 7.82
N ILE B 141 -13.94 1.40 7.54
CA ILE B 141 -13.98 0.46 6.39
C ILE B 141 -13.84 -0.94 6.97
N PRO B 142 -14.26 -1.96 6.21
CA PRO B 142 -14.28 -3.33 6.71
C PRO B 142 -12.89 -3.97 6.68
N HIS B 143 -12.02 -3.53 7.57
CA HIS B 143 -10.63 -4.07 7.72
C HIS B 143 -10.64 -5.60 7.77
N THR B 144 -11.51 -6.21 8.56
CA THR B 144 -11.46 -7.66 8.80
C THR B 144 -11.88 -8.39 7.50
N ALA B 145 -12.86 -7.88 6.74
CA ALA B 145 -13.26 -8.50 5.45
C ALA B 145 -12.11 -8.36 4.44
N ILE B 146 -11.38 -7.26 4.44
CA ILE B 146 -10.28 -7.01 3.48
C ILE B 146 -9.14 -8.00 3.76
N LEU B 147 -8.83 -8.21 5.04
CA LEU B 147 -7.68 -9.05 5.45
C LEU B 147 -8.03 -10.53 5.65
N GLU B 148 -9.30 -10.90 5.84
CA GLU B 148 -9.70 -12.31 6.08
C GLU B 148 -9.04 -13.23 5.04
N PRO B 149 -9.02 -12.94 3.74
CA PRO B 149 -8.50 -13.94 2.79
C PRO B 149 -6.98 -14.18 2.89
N ILE B 150 -6.23 -13.32 3.57
CA ILE B 150 -4.74 -13.41 3.62
C ILE B 150 -4.24 -13.39 5.07
N THR B 151 -5.09 -13.77 6.00
CA THR B 151 -4.73 -13.90 7.44
C THR B 151 -5.19 -15.27 7.94
N ARG B 152 -4.60 -15.70 9.03
CA ARG B 152 -5.07 -16.91 9.76
C ARG B 152 -6.23 -16.51 10.66
N LEU B 153 -6.44 -15.22 10.90
CA LEU B 153 -7.51 -14.72 11.78
C LEU B 153 -7.57 -13.20 11.62
N ALA B 154 -8.78 -12.67 11.54
CA ALA B 154 -9.01 -11.21 11.43
C ALA B 154 -10.29 -10.91 12.20
N ARG B 155 -10.16 -10.25 13.35
CA ARG B 155 -11.31 -10.02 14.26
C ARG B 155 -11.30 -8.62 14.83
N THR B 156 -12.52 -8.16 15.09
CA THR B 156 -12.87 -6.94 15.86
C THR B 156 -13.25 -7.40 17.27
N LEU B 157 -12.56 -6.89 18.30
CA LEU B 157 -12.68 -7.33 19.71
C LEU B 157 -13.58 -6.35 20.46
N ARG B 158 -14.81 -6.81 20.75
CA ARG B 158 -15.87 -5.93 21.26
C ARG B 158 -16.17 -6.20 22.74
N SER B 159 -15.51 -7.14 23.37
CA SER B 159 -15.75 -7.53 24.78
C SER B 159 -14.42 -7.34 25.53
N ALA B 160 -14.36 -6.25 26.30
CA ALA B 160 -13.18 -5.79 27.09
C ALA B 160 -12.62 -6.98 27.87
N ASP B 161 -13.46 -7.78 28.55
CA ASP B 161 -12.93 -8.84 29.44
C ASP B 161 -12.29 -10.00 28.68
N GLN B 162 -12.57 -10.11 27.38
CA GLN B 162 -12.14 -11.26 26.53
C GLN B 162 -10.98 -10.88 25.61
N VAL B 163 -10.51 -9.63 25.69
CA VAL B 163 -9.46 -9.15 24.77
C VAL B 163 -8.18 -9.97 25.00
N LEU B 164 -7.78 -10.16 26.23
CA LEU B 164 -6.58 -10.94 26.56
C LEU B 164 -6.66 -12.34 25.96
N ARG B 165 -7.78 -13.01 26.14
CA ARG B 165 -8.02 -14.37 25.61
C ARG B 165 -7.84 -14.37 24.09
N GLU B 166 -8.48 -13.44 23.41
CA GLU B 166 -8.46 -13.28 21.93
C GLU B 166 -7.02 -13.06 21.46
N PHE B 167 -6.28 -12.23 22.17
CA PHE B 167 -4.85 -11.98 21.85
C PHE B 167 -4.09 -13.31 21.91
N ASP B 168 -4.24 -14.06 23.01
CA ASP B 168 -3.47 -15.32 23.18
C ASP B 168 -3.84 -16.34 22.10
N GLU B 169 -5.13 -16.49 21.81
CA GLU B 169 -5.61 -17.46 20.78
C GLU B 169 -5.10 -17.04 19.40
N ALA B 170 -5.10 -15.74 19.10
CA ALA B 170 -4.66 -15.22 17.78
C ALA B 170 -3.17 -15.50 17.64
N TRP B 171 -2.42 -15.31 18.72
CA TRP B 171 -0.96 -15.54 18.76
C TRP B 171 -0.69 -17.02 18.42
N ALA B 172 -1.48 -17.93 18.99
CA ALA B 172 -1.34 -19.38 18.69
C ALA B 172 -1.67 -19.66 17.23
N ARG B 173 -2.71 -19.02 16.70
CA ARG B 173 -3.11 -19.21 15.28
C ARG B 173 -2.03 -18.64 14.36
N ALA B 174 -1.33 -17.57 14.76
CA ALA B 174 -0.22 -17.02 13.94
C ALA B 174 0.85 -18.13 13.79
N SER B 175 1.09 -18.92 14.83
CA SER B 175 2.03 -20.08 14.76
C SER B 175 1.54 -21.21 13.86
N GLY B 176 0.24 -21.32 13.59
CA GLY B 176 -0.27 -22.35 12.66
C GLY B 176 -1.42 -23.15 13.26
N ASP B 177 -1.71 -22.91 14.54
CA ASP B 177 -2.82 -23.59 15.24
C ASP B 177 -4.12 -23.33 14.47
N ARG B 178 -4.87 -24.40 14.18
CA ARG B 178 -6.18 -24.34 13.47
C ARG B 178 -5.97 -23.75 12.07
N GLY B 179 -4.77 -23.76 11.55
CA GLY B 179 -4.52 -23.29 10.18
C GLY B 179 -3.15 -23.66 9.68
N GLU B 180 -2.29 -22.66 9.54
CA GLU B 180 -0.88 -22.83 9.13
C GLU B 180 -0.18 -21.52 9.50
N PRO B 181 1.15 -21.47 9.59
CA PRO B 181 1.81 -20.27 10.12
C PRO B 181 1.48 -19.06 9.23
N GLY B 182 1.29 -17.91 9.86
CA GLY B 182 1.10 -16.70 9.05
C GLY B 182 0.58 -15.55 9.89
N PRO B 183 0.21 -14.45 9.22
CA PRO B 183 -0.23 -13.24 9.89
C PRO B 183 -1.63 -13.34 10.45
N VAL B 184 -1.84 -12.67 11.60
CA VAL B 184 -3.17 -12.47 12.19
C VAL B 184 -3.37 -10.99 12.38
N TYR B 185 -4.65 -10.60 12.41
CA TYR B 185 -5.10 -9.21 12.55
C TYR B 185 -6.14 -9.11 13.66
N LEU B 186 -5.89 -8.20 14.57
CA LEU B 186 -6.83 -7.87 15.68
C LEU B 186 -7.03 -6.37 15.73
N GLU B 187 -8.27 -5.96 15.93
CA GLU B 187 -8.59 -4.53 16.03
C GLU B 187 -9.50 -4.38 17.22
N ILE B 188 -9.40 -3.27 17.93
CA ILE B 188 -10.17 -2.96 19.17
C ILE B 188 -10.75 -1.55 19.04
N PRO B 189 -12.09 -1.46 18.87
CA PRO B 189 -12.77 -0.17 18.84
C PRO B 189 -12.26 0.68 20.04
N THR B 190 -12.11 1.96 19.82
CA THR B 190 -11.42 2.88 20.75
C THR B 190 -12.17 2.94 22.08
N ASP B 191 -13.49 2.86 22.10
CA ASP B 191 -14.28 2.81 23.36
C ASP B 191 -13.93 1.56 24.16
N VAL B 192 -13.61 0.47 23.49
CA VAL B 192 -13.30 -0.82 24.17
C VAL B 192 -11.89 -0.70 24.74
N LEU B 193 -10.96 -0.10 23.98
CA LEU B 193 -9.57 0.13 24.42
C LEU B 193 -9.57 0.85 25.78
N ARG B 194 -10.53 1.73 25.97
CA ARG B 194 -10.58 2.62 27.16
C ARG B 194 -11.36 1.97 28.30
N ARG B 195 -11.97 0.80 28.12
CA ARG B 195 -12.80 0.15 29.14
C ARG B 195 -11.89 -0.60 30.14
N ASP B 196 -12.25 -0.59 31.42
CA ASP B 196 -11.49 -1.33 32.46
C ASP B 196 -11.86 -2.83 32.39
N VAL B 197 -10.90 -3.72 32.66
CA VAL B 197 -11.11 -5.16 32.90
C VAL B 197 -10.88 -5.47 34.39
N PRO B 198 -11.85 -6.10 35.09
CA PRO B 198 -11.64 -6.48 36.50
C PRO B 198 -10.55 -7.54 36.62
N PRO B 199 -9.84 -7.56 37.76
CA PRO B 199 -8.63 -8.36 37.93
C PRO B 199 -8.89 -9.87 37.80
N ALA B 200 -10.05 -10.36 38.25
CA ALA B 200 -10.34 -11.80 38.22
C ALA B 200 -10.36 -12.29 36.78
N LEU B 201 -10.57 -11.40 35.80
CA LEU B 201 -10.73 -11.80 34.37
C LEU B 201 -9.42 -11.75 33.63
N GLN B 202 -8.35 -11.37 34.32
CA GLN B 202 -6.99 -11.18 33.75
C GLN B 202 -6.16 -12.41 34.09
N MET B 203 -6.24 -13.43 33.27
CA MET B 203 -5.76 -14.77 33.63
C MET B 203 -4.32 -14.92 33.18
N ARG B 204 -3.50 -15.43 34.08
CA ARG B 204 -2.05 -15.62 33.88
C ARG B 204 -1.85 -16.46 32.61
N GLU B 205 -2.67 -17.48 32.38
CA GLU B 205 -2.42 -18.43 31.27
C GLU B 205 -2.51 -17.71 29.92
N HIS B 206 -3.27 -16.63 29.80
CA HIS B 206 -3.36 -15.85 28.53
C HIS B 206 -2.21 -14.83 28.43
N LEU B 207 -1.70 -14.31 29.56
CA LEU B 207 -0.59 -13.30 29.57
C LEU B 207 0.73 -13.97 29.23
N ARG B 208 0.95 -15.22 29.67
CA ARG B 208 2.29 -15.86 29.65
C ARG B 208 2.70 -16.29 28.23
N ALA B 209 3.99 -16.27 27.96
CA ALA B 209 4.62 -16.78 26.73
C ALA B 209 4.36 -18.28 26.66
N LYS B 210 4.27 -18.82 25.47
CA LYS B 210 3.96 -20.25 25.25
C LYS B 210 5.09 -20.84 24.43
N PRO B 211 5.45 -22.12 24.64
CA PRO B 211 6.47 -22.75 23.79
C PRO B 211 5.90 -23.10 22.42
N LYS B 212 6.75 -23.30 21.43
CA LYS B 212 6.28 -23.79 20.12
C LYS B 212 5.86 -25.25 20.27
N ARG B 213 4.96 -25.71 19.43
CA ARG B 213 4.55 -27.12 19.41
C ARG B 213 5.64 -27.95 18.75
N ARG B 214 5.67 -29.22 19.12
CA ARG B 214 6.74 -30.16 18.79
C ARG B 214 6.11 -31.50 18.45
N PRO B 215 5.16 -31.62 17.49
CA PRO B 215 4.63 -32.96 17.18
C PRO B 215 5.80 -33.84 16.69
N GLN B 216 5.79 -35.12 17.06
CA GLN B 216 6.86 -36.09 16.76
C GLN B 216 6.43 -37.03 15.65
N PRO B 217 7.39 -37.58 14.90
CA PRO B 217 7.07 -38.54 13.84
C PRO B 217 6.58 -39.88 14.41
N HIS B 218 5.84 -40.64 13.60
CA HIS B 218 5.49 -42.04 13.94
C HIS B 218 6.60 -42.94 13.41
N PRO B 219 7.13 -43.91 14.22
CA PRO B 219 8.28 -44.72 13.78
C PRO B 219 8.05 -45.49 12.47
N ASP B 220 6.79 -45.85 12.15
CA ASP B 220 6.50 -46.65 10.94
C ASP B 220 6.69 -45.75 9.71
N ASP B 221 6.34 -44.46 9.81
CA ASP B 221 6.59 -43.49 8.70
C ASP B 221 8.10 -43.27 8.53
N VAL B 222 8.82 -43.12 9.64
CA VAL B 222 10.30 -42.94 9.63
C VAL B 222 10.95 -44.14 8.92
N ALA B 223 10.55 -45.35 9.30
CA ALA B 223 11.08 -46.60 8.73
C ALA B 223 10.78 -46.62 7.23
N ALA B 224 9.55 -46.26 6.84
CA ALA B 224 9.12 -46.35 5.42
C ALA B 224 9.95 -45.34 4.60
N VAL B 225 10.28 -44.16 5.15
CA VAL B 225 11.16 -43.21 4.39
C VAL B 225 12.57 -43.81 4.25
N ALA B 226 13.11 -44.38 5.31
CA ALA B 226 14.47 -44.98 5.31
C ALA B 226 14.53 -46.08 4.24
N ASP B 227 13.47 -46.88 4.11
CA ASP B 227 13.35 -47.96 3.08
C ASP B 227 13.43 -47.31 1.71
N LEU B 228 12.69 -46.21 1.47
CA LEU B 228 12.70 -45.50 0.16
C LEU B 228 14.13 -45.01 -0.14
N ILE B 229 14.81 -44.48 0.87
CA ILE B 229 16.20 -43.95 0.69
C ILE B 229 17.12 -45.13 0.33
N ARG B 230 17.04 -46.23 1.05
CA ARG B 230 17.86 -47.43 0.75
C ARG B 230 17.63 -47.89 -0.69
N ALA B 231 16.41 -47.80 -1.24
CA ALA B 231 16.10 -48.30 -2.60
C ALA B 231 16.54 -47.24 -3.65
N ALA B 232 16.79 -46.00 -3.27
CA ALA B 232 17.03 -44.91 -4.25
C ALA B 232 18.52 -44.84 -4.63
N GLU B 233 18.78 -44.55 -5.89
CA GLU B 233 20.14 -44.41 -6.45
C GLU B 233 20.54 -42.94 -6.48
N LYS B 234 19.57 -42.01 -6.52
CA LYS B 234 19.83 -40.57 -6.70
C LYS B 234 18.90 -39.75 -5.84
N PRO B 235 18.87 -40.02 -4.52
CA PRO B 235 17.98 -39.27 -3.63
C PRO B 235 18.40 -37.79 -3.65
N ALA B 236 17.44 -36.87 -3.53
CA ALA B 236 17.72 -35.40 -3.41
C ALA B 236 16.81 -34.79 -2.35
N ILE B 237 17.37 -33.96 -1.49
CA ILE B 237 16.61 -33.22 -0.45
C ILE B 237 16.52 -31.77 -0.92
N ILE B 238 15.31 -31.22 -0.93
CA ILE B 238 15.09 -29.78 -1.17
C ILE B 238 14.47 -29.16 0.07
N SER B 239 15.10 -28.15 0.64
CA SER B 239 14.67 -27.51 1.90
C SER B 239 13.81 -26.28 1.59
N GLY B 240 13.07 -25.85 2.60
CA GLY B 240 12.26 -24.63 2.61
C GLY B 240 12.10 -24.08 4.02
N ARG B 241 11.09 -23.25 4.18
CA ARG B 241 10.78 -22.49 5.41
C ARG B 241 10.94 -23.40 6.64
N GLY B 242 10.27 -24.55 6.68
CA GLY B 242 10.26 -25.38 7.89
C GLY B 242 11.65 -25.88 8.27
N ALA B 243 12.46 -26.26 7.28
CA ALA B 243 13.86 -26.67 7.54
C ALA B 243 14.62 -25.47 8.14
N ARG B 244 14.33 -24.25 7.71
CA ARG B 244 15.06 -23.03 8.09
C ARG B 244 14.71 -22.63 9.52
N THR B 245 13.64 -23.18 10.07
CA THR B 245 13.33 -23.00 11.52
C THR B 245 14.25 -23.90 12.36
N THR B 246 15.02 -24.82 11.77
CA THR B 246 15.97 -25.66 12.53
C THR B 246 17.35 -25.03 12.39
N ASP B 247 18.37 -25.56 13.07
CA ASP B 247 19.76 -25.07 12.94
C ASP B 247 20.50 -25.81 11.83
N GLY B 248 19.90 -26.78 11.15
CA GLY B 248 20.58 -27.46 10.03
C GLY B 248 21.32 -28.75 10.43
N THR B 249 21.54 -29.01 11.72
CA THR B 249 22.46 -30.13 12.13
C THR B 249 21.79 -31.47 11.84
N ASP B 250 20.51 -31.59 12.15
CA ASP B 250 19.73 -32.82 11.85
C ASP B 250 19.65 -33.01 10.32
N LEU B 251 19.51 -31.93 9.57
CA LEU B 251 19.45 -32.01 8.10
C LEU B 251 20.76 -32.59 7.59
N VAL B 252 21.89 -32.06 8.08
CA VAL B 252 23.25 -32.55 7.68
C VAL B 252 23.38 -34.01 8.10
N ARG B 253 22.93 -34.42 9.29
CA ARG B 253 22.96 -35.85 9.68
C ARG B 253 22.24 -36.68 8.58
N LEU B 254 21.05 -36.27 8.12
CA LEU B 254 20.32 -37.11 7.15
C LEU B 254 21.05 -37.13 5.80
N LEU B 255 21.61 -35.99 5.37
CA LEU B 255 22.41 -35.91 4.12
C LEU B 255 23.59 -36.89 4.20
N ASP B 256 24.28 -36.89 5.32
CA ASP B 256 25.41 -37.85 5.57
C ASP B 256 24.91 -39.31 5.51
N ALA B 257 23.82 -39.64 6.19
CA ALA B 257 23.30 -41.03 6.29
C ALA B 257 22.69 -41.49 4.95
N SER B 258 22.16 -40.55 4.12
CA SER B 258 21.39 -40.83 2.87
C SER B 258 22.26 -40.78 1.62
N GLY B 259 23.32 -39.95 1.59
CA GLY B 259 24.08 -39.70 0.35
C GLY B 259 23.30 -38.81 -0.60
N ALA B 260 22.27 -38.13 -0.11
CA ALA B 260 21.38 -37.35 -0.99
C ALA B 260 22.14 -36.10 -1.46
N ALA B 261 21.87 -35.65 -2.69
CA ALA B 261 22.19 -34.27 -3.14
C ALA B 261 21.34 -33.30 -2.33
N TYR B 262 21.75 -32.02 -2.24
CA TYR B 262 21.02 -31.01 -1.45
C TYR B 262 20.85 -29.72 -2.26
N LEU B 263 19.58 -29.29 -2.41
CA LEU B 263 19.21 -27.92 -2.87
C LEU B 263 18.47 -27.22 -1.75
N ASP B 264 18.76 -25.94 -1.59
CA ASP B 264 17.91 -25.06 -0.77
C ASP B 264 17.10 -24.16 -1.74
N THR B 265 16.27 -23.32 -1.16
CA THR B 265 15.48 -22.30 -1.88
C THR B 265 15.77 -20.95 -1.21
N GLN B 266 15.23 -19.86 -1.77
CA GLN B 266 15.46 -18.51 -1.23
C GLN B 266 15.12 -18.47 0.28
N GLU B 267 14.07 -19.18 0.70
CA GLU B 267 13.60 -19.14 2.11
C GLU B 267 14.38 -20.11 3.01
N SER B 268 15.37 -20.86 2.52
CA SER B 268 16.05 -21.87 3.37
C SER B 268 17.58 -21.82 3.20
N ARG B 269 18.16 -20.69 2.83
CA ARG B 269 19.63 -20.56 2.69
C ARG B 269 20.33 -20.72 4.05
N GLY B 270 21.57 -21.23 4.02
CA GLY B 270 22.55 -21.21 5.14
C GLY B 270 22.46 -22.40 6.07
N LEU B 271 21.80 -23.50 5.66
CA LEU B 271 21.60 -24.64 6.58
C LEU B 271 22.75 -25.64 6.44
N VAL B 272 23.41 -25.68 5.30
CA VAL B 272 24.38 -26.75 4.98
C VAL B 272 25.66 -26.03 4.55
N PRO B 273 26.85 -26.33 5.11
CA PRO B 273 28.08 -25.68 4.67
C PRO B 273 28.27 -25.89 3.15
N ASP B 274 28.70 -24.82 2.49
CA ASP B 274 28.94 -24.81 1.03
C ASP B 274 29.86 -25.99 0.64
N SER B 275 30.81 -26.34 1.51
CA SER B 275 31.82 -27.39 1.22
C SER B 275 31.24 -28.80 1.43
N HIS B 276 30.05 -28.93 2.04
CA HIS B 276 29.41 -30.26 2.24
C HIS B 276 29.32 -31.00 0.91
N PRO B 277 29.67 -32.30 0.85
CA PRO B 277 29.64 -33.07 -0.40
C PRO B 277 28.26 -33.08 -1.09
N ALA B 278 27.19 -32.78 -0.35
CA ALA B 278 25.80 -32.78 -0.91
C ALA B 278 25.45 -31.43 -1.57
N ALA B 279 26.08 -30.32 -1.15
CA ALA B 279 25.69 -28.94 -1.51
C ALA B 279 26.07 -28.67 -2.98
N VAL B 280 25.10 -28.75 -3.90
CA VAL B 280 25.31 -28.68 -5.37
C VAL B 280 24.38 -27.58 -5.94
N GLY B 281 24.50 -26.38 -5.41
CA GLY B 281 23.63 -25.23 -5.71
C GLY B 281 23.67 -24.74 -7.16
N SER B 282 24.70 -25.06 -7.92
CA SER B 282 24.81 -24.69 -9.34
C SER B 282 24.31 -25.82 -10.22
N ALA B 283 23.72 -26.87 -9.63
CA ALA B 283 23.27 -28.06 -10.41
C ALA B 283 21.74 -28.24 -10.27
N ARG B 284 20.99 -27.12 -10.08
CA ARG B 284 19.53 -27.19 -9.76
C ARG B 284 18.79 -28.04 -10.79
N SER B 285 19.00 -27.76 -12.08
CA SER B 285 18.33 -28.46 -13.19
C SER B 285 18.72 -29.92 -13.22
N ALA B 286 20.01 -30.23 -13.05
CA ALA B 286 20.50 -31.63 -13.11
C ALA B 286 19.88 -32.45 -11.97
N VAL B 287 19.83 -31.89 -10.77
CA VAL B 287 19.22 -32.58 -9.61
C VAL B 287 17.73 -32.88 -9.90
N MET B 288 16.95 -31.90 -10.39
CA MET B 288 15.48 -32.09 -10.56
C MET B 288 15.25 -33.10 -11.69
N ARG B 289 16.00 -33.00 -12.79
CA ARG B 289 15.83 -33.90 -13.96
C ARG B 289 16.04 -35.38 -13.58
N ASP B 290 16.96 -35.66 -12.65
CA ASP B 290 17.53 -37.03 -12.51
C ASP B 290 17.24 -37.67 -11.16
N THR B 291 16.86 -36.94 -10.12
CA THR B 291 16.58 -37.56 -8.82
C THR B 291 15.48 -38.61 -8.97
N ASP B 292 15.65 -39.74 -8.27
CA ASP B 292 14.62 -40.82 -8.24
C ASP B 292 13.91 -40.74 -6.88
N LEU B 293 14.28 -39.82 -6.01
CA LEU B 293 13.59 -39.66 -4.70
C LEU B 293 13.77 -38.22 -4.22
N LEU B 294 12.76 -37.42 -4.49
CA LEU B 294 12.64 -36.02 -3.99
C LEU B 294 12.07 -36.05 -2.57
N ILE B 295 12.81 -35.52 -1.61
CA ILE B 295 12.38 -35.37 -0.20
C ILE B 295 12.28 -33.88 0.10
N THR B 296 11.06 -33.39 0.26
CA THR B 296 10.86 -31.96 0.59
C THR B 296 10.91 -31.85 2.10
N VAL B 297 11.63 -30.84 2.58
CA VAL B 297 11.75 -30.58 4.04
C VAL B 297 11.26 -29.16 4.32
N GLY B 298 10.06 -29.07 4.85
CA GLY B 298 9.34 -27.82 5.15
C GLY B 298 9.25 -26.92 3.92
N ARG B 299 8.94 -27.48 2.75
CA ARG B 299 8.99 -26.76 1.46
C ARG B 299 7.72 -27.07 0.65
N GLN B 300 7.10 -26.02 0.10
CA GLN B 300 5.96 -26.18 -0.85
C GLN B 300 6.53 -26.53 -2.22
N LEU B 301 5.81 -27.34 -2.97
CA LEU B 301 6.09 -27.60 -4.42
C LEU B 301 5.25 -26.63 -5.24
N ASP B 302 5.46 -25.33 -5.01
CA ASP B 302 4.83 -24.19 -5.72
C ASP B 302 5.61 -23.94 -7.00
N TYR B 303 5.36 -22.82 -7.68
CA TYR B 303 5.99 -22.52 -8.99
C TYR B 303 7.52 -22.50 -8.87
N GLN B 304 8.08 -22.29 -7.68
CA GLN B 304 9.55 -22.14 -7.50
C GLN B 304 10.23 -23.51 -7.73
N LEU B 305 9.48 -24.62 -7.60
CA LEU B 305 9.97 -25.99 -7.84
C LEU B 305 9.08 -26.66 -8.91
N GLY B 306 8.63 -25.87 -9.88
CA GLY B 306 7.95 -26.44 -11.04
C GLY B 306 6.65 -27.15 -10.69
N MET B 307 5.97 -26.72 -9.61
CA MET B 307 4.70 -27.37 -9.09
C MET B 307 4.98 -28.82 -8.67
N GLY B 308 6.24 -29.18 -8.51
CA GLY B 308 6.59 -30.60 -8.28
C GLY B 308 6.18 -31.50 -9.44
N SER B 309 5.90 -30.94 -10.63
CA SER B 309 5.30 -31.70 -11.76
C SER B 309 6.23 -32.85 -12.18
N PRO B 310 5.71 -34.01 -12.56
CA PRO B 310 6.52 -35.03 -13.24
C PRO B 310 7.26 -34.48 -14.49
N ALA B 311 6.76 -33.40 -15.09
CA ALA B 311 7.46 -32.73 -16.20
C ALA B 311 8.81 -32.20 -15.73
N VAL B 312 8.91 -31.75 -14.48
CA VAL B 312 10.16 -31.13 -13.98
C VAL B 312 11.00 -32.15 -13.19
N PHE B 313 10.34 -33.11 -12.54
CA PHE B 313 10.98 -34.23 -11.80
C PHE B 313 10.61 -35.54 -12.46
N PRO B 314 11.02 -35.81 -13.70
CA PRO B 314 10.51 -36.97 -14.42
C PRO B 314 10.85 -38.33 -13.80
N HIS B 315 11.84 -38.46 -12.91
CA HIS B 315 12.26 -39.79 -12.35
C HIS B 315 11.88 -39.96 -10.87
N ALA B 316 11.30 -38.94 -10.21
CA ALA B 316 11.28 -38.82 -8.74
C ALA B 316 10.05 -39.49 -8.15
N LYS B 317 10.25 -40.43 -7.23
CA LYS B 317 9.29 -40.70 -6.15
C LYS B 317 9.36 -39.50 -5.23
N VAL B 318 8.35 -39.32 -4.41
CA VAL B 318 8.21 -38.12 -3.58
C VAL B 318 7.96 -38.54 -2.13
N VAL B 319 8.67 -37.87 -1.22
CA VAL B 319 8.47 -37.92 0.24
C VAL B 319 8.39 -36.48 0.71
N ARG B 320 7.48 -36.21 1.65
CA ARG B 320 7.27 -34.85 2.20
C ARG B 320 7.29 -34.91 3.72
N ILE B 321 8.08 -33.99 4.26
CA ILE B 321 8.31 -33.82 5.71
C ILE B 321 8.03 -32.36 6.06
N ALA B 322 7.21 -32.10 7.05
CA ALA B 322 6.92 -30.72 7.48
C ALA B 322 6.15 -30.72 8.80
N ASP B 323 6.07 -29.58 9.46
CA ASP B 323 5.24 -29.47 10.68
C ASP B 323 3.90 -28.82 10.33
N THR B 324 3.57 -28.70 9.05
CA THR B 324 2.33 -28.12 8.54
C THR B 324 2.02 -28.79 7.21
N ALA B 325 0.79 -29.26 7.03
CA ALA B 325 0.29 -29.87 5.78
C ALA B 325 0.32 -28.87 4.62
N SER B 326 0.50 -27.56 4.87
CA SER B 326 0.81 -26.57 3.80
C SER B 326 2.09 -26.96 3.03
N GLU B 327 2.92 -27.88 3.56
CA GLU B 327 4.20 -28.33 2.94
C GLU B 327 4.18 -29.86 2.74
N LEU B 328 2.98 -30.46 2.78
CA LEU B 328 2.74 -31.92 2.59
C LEU B 328 1.79 -32.25 1.43
N ILE B 329 0.72 -31.48 1.19
CA ILE B 329 -0.40 -31.92 0.29
C ILE B 329 -0.42 -31.16 -1.03
N ASP B 330 0.31 -30.04 -1.10
CA ASP B 330 0.23 -29.12 -2.26
C ASP B 330 0.89 -29.78 -3.48
N ASN B 331 0.09 -30.06 -4.51
CA ASN B 331 0.46 -30.43 -5.91
C ASN B 331 0.95 -31.88 -6.04
N ARG B 332 1.86 -32.30 -5.16
CA ARG B 332 2.33 -33.72 -5.11
C ARG B 332 2.11 -34.27 -3.70
N ARG B 333 1.65 -35.49 -3.60
CA ARG B 333 1.51 -36.29 -2.37
C ARG B 333 2.77 -37.15 -2.19
N GLY B 334 3.17 -37.37 -0.95
CA GLY B 334 4.28 -38.27 -0.63
C GLY B 334 3.85 -39.72 -0.71
N GLU B 335 4.72 -40.59 -1.17
CA GLU B 335 4.54 -42.03 -0.88
CA GLU B 335 4.64 -42.05 -0.87
C GLU B 335 4.56 -42.21 0.65
N VAL B 336 5.28 -41.38 1.37
CA VAL B 336 5.18 -41.16 2.83
C VAL B 336 5.09 -39.66 3.08
N GLU B 337 4.25 -39.24 4.02
CA GLU B 337 4.26 -37.85 4.47
C GLU B 337 4.47 -37.87 5.99
N ILE B 338 5.44 -37.10 6.47
CA ILE B 338 5.65 -36.97 7.94
C ILE B 338 5.23 -35.56 8.37
N LEU B 339 4.24 -35.49 9.23
CA LEU B 339 3.80 -34.26 9.90
C LEU B 339 4.41 -34.23 11.30
N ALA B 340 5.49 -33.47 11.47
CA ALA B 340 6.27 -33.45 12.71
C ALA B 340 7.21 -32.26 12.65
N GLU B 341 7.68 -31.85 13.83
CA GLU B 341 8.84 -30.95 13.94
C GLU B 341 9.93 -31.51 13.03
N PRO B 342 10.39 -30.75 12.02
CA PRO B 342 11.27 -31.31 11.00
C PRO B 342 12.62 -31.81 11.50
N GLY B 343 13.19 -31.14 12.52
CA GLY B 343 14.48 -31.59 13.09
C GLY B 343 14.37 -33.03 13.59
N ALA B 344 13.32 -33.27 14.37
CA ALA B 344 13.04 -34.60 14.97
C ALA B 344 12.85 -35.63 13.86
N ALA B 345 12.09 -35.29 12.84
CA ALA B 345 11.86 -36.18 11.69
C ALA B 345 13.19 -36.52 11.01
N LEU B 346 14.02 -35.53 10.72
CA LEU B 346 15.33 -35.70 10.04
C LEU B 346 16.24 -36.60 10.87
N ALA B 347 16.32 -36.35 12.17
CA ALA B 347 17.18 -37.12 13.12
C ALA B 347 16.70 -38.58 13.14
N ALA B 348 15.39 -38.79 13.20
CA ALA B 348 14.79 -40.14 13.33
C ALA B 348 15.13 -40.95 12.09
N ILE B 349 15.06 -40.32 10.91
CA ILE B 349 15.36 -41.02 9.62
C ILE B 349 16.85 -41.35 9.52
N ALA B 350 17.71 -40.39 9.90
CA ALA B 350 19.17 -40.58 10.04
C ALA B 350 19.41 -41.79 10.94
N ASP B 351 18.77 -41.86 12.09
CA ASP B 351 18.97 -43.01 13.04
C ASP B 351 18.56 -44.33 12.38
N ALA B 352 17.45 -44.32 11.65
CA ALA B 352 16.89 -45.51 10.98
C ALA B 352 17.81 -45.94 9.84
N LEU B 353 18.73 -45.09 9.36
CA LEU B 353 19.68 -45.44 8.27
C LEU B 353 21.03 -45.90 8.85
N LYS B 354 21.07 -46.13 10.17
CA LYS B 354 22.08 -46.96 10.86
C LYS B 354 22.24 -48.25 10.01
N ASP B 355 23.46 -48.44 9.55
CA ASP B 355 23.97 -49.65 8.89
C ASP B 355 23.79 -49.57 7.37
N HIS B 356 23.19 -48.50 6.84
CA HIS B 356 23.08 -48.28 5.38
C HIS B 356 24.41 -47.72 4.85
N THR B 357 24.94 -48.28 3.77
CA THR B 357 26.07 -47.63 3.06
C THR B 357 25.48 -46.89 1.87
N PRO B 358 25.35 -45.56 1.88
CA PRO B 358 24.72 -44.87 0.76
C PRO B 358 25.62 -44.94 -0.48
N ASP B 359 24.97 -44.97 -1.63
CA ASP B 359 25.62 -44.88 -2.96
C ASP B 359 25.71 -43.38 -3.29
N THR B 360 26.88 -42.77 -3.16
CA THR B 360 27.06 -41.31 -3.38
C THR B 360 27.56 -41.01 -4.81
N SER B 361 27.67 -41.95 -5.73
CA SER B 361 28.40 -41.66 -7.01
C SER B 361 27.69 -40.54 -7.79
N TRP B 362 26.36 -40.49 -7.83
CA TRP B 362 25.65 -39.41 -8.56
C TRP B 362 25.90 -38.09 -7.84
N ARG B 363 25.71 -38.03 -6.53
CA ARG B 363 25.90 -36.80 -5.73
C ARG B 363 27.33 -36.27 -5.99
N ASP B 364 28.32 -37.17 -5.99
CA ASP B 364 29.76 -36.81 -6.11
C ASP B 364 30.03 -36.30 -7.54
N GLU B 365 29.42 -36.90 -8.54
CA GLU B 365 29.57 -36.44 -9.94
C GLU B 365 29.02 -35.03 -10.09
N LEU B 366 27.87 -34.75 -9.47
CA LEU B 366 27.28 -33.38 -9.46
C LEU B 366 28.20 -32.43 -8.69
N LYS B 367 28.72 -32.89 -7.55
CA LYS B 367 29.58 -32.03 -6.71
C LYS B 367 30.84 -31.61 -7.50
N ALA B 368 31.45 -32.52 -8.27
CA ALA B 368 32.67 -32.21 -9.05
C ALA B 368 32.32 -31.15 -10.09
N LYS B 369 31.19 -31.29 -10.76
CA LYS B 369 30.76 -30.31 -11.80
C LYS B 369 30.42 -28.98 -11.15
N HIS B 370 29.76 -29.03 -9.99
CA HIS B 370 29.34 -27.85 -9.21
C HIS B 370 30.56 -27.01 -8.84
N ARG B 371 31.62 -27.70 -8.34
CA ARG B 371 32.84 -27.00 -7.88
C ARG B 371 33.36 -26.10 -9.00
N LYS B 372 33.50 -26.63 -10.21
CA LYS B 372 33.99 -25.88 -11.39
C LYS B 372 33.04 -24.72 -11.71
N ARG B 373 31.77 -25.04 -11.84
CA ARG B 373 30.77 -24.09 -12.38
C ARG B 373 30.63 -22.94 -11.38
N ALA B 374 30.45 -23.24 -10.09
CA ALA B 374 30.24 -22.20 -9.05
C ALA B 374 31.52 -21.40 -8.87
N GLU B 375 32.71 -22.04 -8.95
CA GLU B 375 33.97 -21.31 -8.70
C GLU B 375 34.26 -20.37 -9.88
N ASP B 376 34.12 -20.88 -11.11
CA ASP B 376 34.29 -20.02 -12.31
C ASP B 376 33.29 -18.85 -12.24
N TYR B 377 32.06 -19.09 -11.79
CA TYR B 377 31.03 -18.03 -11.77
C TYR B 377 31.45 -16.96 -10.76
N ARG B 378 31.83 -17.38 -9.57
CA ARG B 378 32.15 -16.42 -8.49
C ARG B 378 33.41 -15.62 -8.87
N GLN B 379 34.40 -16.26 -9.49
CA GLN B 379 35.64 -15.57 -9.93
C GLN B 379 35.27 -14.50 -10.95
N ALA B 380 34.37 -14.82 -11.88
CA ALA B 380 34.03 -13.94 -13.03
C ALA B 380 33.32 -12.69 -12.52
N LEU B 381 32.73 -12.72 -11.32
CA LEU B 381 32.02 -11.56 -10.74
C LEU B 381 32.96 -10.35 -10.61
N HIS B 382 34.28 -10.52 -10.39
CA HIS B 382 35.30 -9.47 -10.11
C HIS B 382 35.69 -8.79 -11.40
N SER B 383 35.38 -9.36 -12.55
CA SER B 383 35.86 -8.79 -13.82
C SER B 383 34.75 -8.68 -14.89
N THR B 384 33.48 -8.86 -14.56
CA THR B 384 32.39 -8.75 -15.55
C THR B 384 32.50 -7.42 -16.30
N GLU B 385 32.47 -7.45 -17.64
CA GLU B 385 32.58 -6.26 -18.51
C GLU B 385 31.35 -5.39 -18.32
N ASN B 386 31.54 -4.08 -18.48
CA ASN B 386 30.46 -3.11 -18.70
C ASN B 386 29.56 -3.56 -19.87
N GLY B 387 28.26 -3.29 -19.82
CA GLY B 387 27.38 -3.48 -20.97
C GLY B 387 27.71 -2.51 -22.09
N ALA B 388 27.02 -2.67 -23.22
CA ALA B 388 27.20 -1.91 -24.48
C ALA B 388 26.91 -0.42 -24.24
N ASP B 389 26.11 -0.09 -23.22
CA ASP B 389 25.78 1.33 -22.88
C ASP B 389 26.89 1.94 -22.04
N GLY B 390 27.99 1.22 -21.80
CA GLY B 390 29.15 1.71 -21.03
C GLY B 390 28.94 1.67 -19.51
N HIS B 391 27.90 1.03 -18.97
CA HIS B 391 27.63 1.08 -17.50
C HIS B 391 27.95 -0.26 -16.86
N ILE B 392 28.00 -0.24 -15.55
CA ILE B 392 28.47 -1.38 -14.71
C ILE B 392 27.51 -2.55 -14.88
N HIS B 393 28.05 -3.76 -15.05
CA HIS B 393 27.24 -5.00 -14.91
C HIS B 393 26.97 -5.24 -13.43
N PRO B 394 25.70 -5.47 -13.03
CA PRO B 394 25.35 -5.61 -11.62
C PRO B 394 26.13 -6.72 -10.91
N ASN B 395 26.59 -7.72 -11.63
CA ASN B 395 27.42 -8.81 -11.05
C ASN B 395 28.66 -8.23 -10.39
N ARG B 396 29.16 -7.10 -10.84
CA ARG B 396 30.33 -6.47 -10.17
C ARG B 396 30.00 -6.08 -8.72
N ILE B 397 28.73 -5.85 -8.37
CA ILE B 397 28.37 -5.52 -6.96
C ILE B 397 28.67 -6.77 -6.11
N PHE B 398 28.36 -7.98 -6.62
CA PHE B 398 28.55 -9.23 -5.84
C PHE B 398 30.04 -9.54 -5.81
N GLY B 399 30.74 -9.23 -6.90
CA GLY B 399 32.20 -9.35 -6.98
C GLY B 399 32.88 -8.51 -5.91
N ALA B 400 32.42 -7.28 -5.74
CA ALA B 400 33.01 -6.32 -4.78
C ALA B 400 32.74 -6.85 -3.37
N LEU B 401 31.53 -7.30 -3.08
CA LEU B 401 31.18 -7.83 -1.73
C LEU B 401 32.04 -9.06 -1.43
N ASP B 402 32.26 -9.92 -2.44
CA ASP B 402 33.08 -11.16 -2.28
C ASP B 402 34.52 -10.75 -1.96
N ALA B 403 35.04 -9.74 -2.65
CA ALA B 403 36.40 -9.24 -2.45
C ALA B 403 36.55 -8.60 -1.06
N LEU B 404 35.52 -8.04 -0.44
CA LEU B 404 35.69 -7.39 0.89
C LEU B 404 35.59 -8.42 2.03
N ASP B 405 35.10 -9.60 1.72
CA ASP B 405 34.89 -10.68 2.72
C ASP B 405 36.22 -10.96 3.41
N GLY B 406 36.27 -10.86 4.73
CA GLY B 406 37.46 -11.21 5.51
C GLY B 406 38.37 -10.02 5.61
N ASP B 407 37.99 -8.93 4.96
CA ASP B 407 38.73 -7.63 4.99
C ASP B 407 37.95 -6.77 5.96
N VAL B 408 36.86 -6.16 5.51
CA VAL B 408 36.09 -5.17 6.31
C VAL B 408 34.75 -5.77 6.71
N LEU B 409 34.41 -6.95 6.19
CA LEU B 409 33.20 -7.63 6.73
C LEU B 409 33.32 -9.13 6.57
N ASP B 410 32.63 -9.78 7.47
CA ASP B 410 32.52 -11.23 7.50
C ASP B 410 31.18 -11.58 6.87
N LEU B 411 31.18 -11.98 5.62
CA LEU B 411 29.93 -12.31 4.90
C LEU B 411 29.22 -13.45 5.62
N GLY B 412 30.01 -14.38 6.21
CA GLY B 412 29.50 -15.54 6.97
C GLY B 412 28.68 -15.12 8.19
N GLU B 413 28.81 -13.88 8.67
CA GLU B 413 28.04 -13.38 9.84
C GLU B 413 27.05 -12.33 9.33
N THR B 414 26.98 -12.08 8.01
CA THR B 414 26.22 -10.92 7.48
C THR B 414 24.81 -11.39 7.07
N ILE B 415 23.80 -10.59 7.37
CA ILE B 415 22.45 -10.77 6.78
C ILE B 415 22.40 -10.01 5.45
N MET B 416 22.12 -10.75 4.38
CA MET B 416 22.09 -10.31 2.98
C MET B 416 20.61 -10.33 2.55
N ILE B 417 20.22 -9.28 1.83
CA ILE B 417 18.84 -9.07 1.32
C ILE B 417 18.98 -8.72 -0.16
N ALA B 418 18.09 -9.28 -0.99
CA ALA B 418 18.05 -8.96 -2.42
C ALA B 418 16.61 -8.62 -2.82
N ASP B 419 16.46 -7.77 -3.83
CA ASP B 419 15.13 -7.25 -4.24
C ASP B 419 15.26 -6.69 -5.66
N GLY B 420 14.18 -6.68 -6.44
CA GLY B 420 14.20 -6.22 -7.83
C GLY B 420 13.84 -7.32 -8.81
N GLY B 421 14.23 -7.13 -10.07
CA GLY B 421 13.89 -8.04 -11.18
C GLY B 421 15.13 -8.75 -11.63
N ASP B 422 15.82 -8.20 -12.61
CA ASP B 422 17.16 -8.72 -13.01
C ASP B 422 18.09 -8.68 -11.79
N LEU B 423 18.11 -7.60 -11.00
CA LEU B 423 19.04 -7.51 -9.84
C LEU B 423 18.81 -8.71 -8.89
N LEU B 424 17.55 -9.03 -8.60
CA LEU B 424 17.15 -10.14 -7.69
C LEU B 424 17.68 -11.47 -8.24
N SER B 425 17.46 -11.75 -9.52
CA SER B 425 17.91 -12.98 -10.17
C SER B 425 19.45 -13.01 -10.12
N PHE B 426 20.14 -11.90 -10.41
CA PHE B 426 21.63 -11.92 -10.33
C PHE B 426 22.05 -12.19 -8.86
N GLY B 427 21.35 -11.62 -7.90
CA GLY B 427 21.62 -11.76 -6.47
C GLY B 427 21.55 -13.20 -6.02
N ARG B 428 20.66 -14.01 -6.61
CA ARG B 428 20.44 -15.41 -6.20
C ARG B 428 21.73 -16.19 -6.47
N LEU B 429 22.43 -15.85 -7.54
CA LEU B 429 23.73 -16.50 -7.86
C LEU B 429 24.92 -15.80 -7.19
N GLY B 430 24.84 -14.47 -6.99
CA GLY B 430 25.99 -13.65 -6.58
C GLY B 430 26.16 -13.65 -5.09
N ILE B 431 25.09 -13.94 -4.34
CA ILE B 431 25.12 -14.01 -2.85
C ILE B 431 25.26 -15.47 -2.43
N THR B 432 26.47 -15.93 -2.12
CA THR B 432 26.79 -17.34 -1.79
C THR B 432 27.22 -17.53 -0.33
N LYS B 433 27.78 -16.51 0.32
CA LYS B 433 28.08 -16.53 1.77
C LYS B 433 27.15 -15.48 2.36
N ALA B 434 26.35 -15.87 3.31
CA ALA B 434 25.57 -14.96 4.16
C ALA B 434 25.22 -15.78 5.36
N ARG B 435 25.14 -15.21 6.54
CA ARG B 435 24.58 -15.98 7.66
C ARG B 435 23.12 -16.32 7.32
N ARG B 436 22.39 -15.33 6.80
CA ARG B 436 20.95 -15.41 6.49
C ARG B 436 20.69 -14.59 5.24
N TYR B 437 19.65 -15.01 4.51
CA TYR B 437 19.24 -14.38 3.24
C TYR B 437 17.73 -14.12 3.32
N LEU B 438 17.32 -12.93 2.87
CA LEU B 438 15.89 -12.55 2.66
C LEU B 438 15.73 -11.99 1.26
N ASP B 439 14.55 -12.12 0.67
CA ASP B 439 14.30 -11.45 -0.61
C ASP B 439 12.80 -11.25 -0.77
N ALA B 440 12.41 -10.90 -1.98
CA ALA B 440 11.05 -10.57 -2.41
C ALA B 440 10.08 -11.73 -2.14
N GLY B 441 10.59 -12.96 -1.96
CA GLY B 441 9.76 -14.10 -1.54
C GLY B 441 9.05 -14.72 -2.74
N ALA B 442 8.32 -15.79 -2.53
CA ALA B 442 7.47 -16.45 -3.57
C ALA B 442 6.45 -15.44 -4.12
N PHE B 443 6.06 -14.47 -3.30
CA PHE B 443 5.10 -13.40 -3.72
C PHE B 443 5.72 -12.39 -4.72
N GLY B 444 7.06 -12.35 -4.87
CA GLY B 444 7.71 -11.36 -5.75
C GLY B 444 7.40 -9.94 -5.30
N CYS B 445 7.49 -9.73 -3.98
CA CYS B 445 7.11 -8.47 -3.33
C CYS B 445 8.23 -7.43 -3.42
N LEU B 446 8.21 -6.59 -4.46
CA LEU B 446 9.21 -5.50 -4.64
C LEU B 446 9.03 -4.49 -3.51
N GLY B 447 10.15 -3.97 -3.00
CA GLY B 447 10.19 -2.92 -1.96
C GLY B 447 10.50 -3.46 -0.59
N VAL B 448 10.67 -4.75 -0.43
CA VAL B 448 11.03 -5.34 0.89
C VAL B 448 12.45 -4.95 1.30
N ALA B 449 13.37 -4.56 0.41
CA ALA B 449 14.82 -4.55 0.76
C ALA B 449 15.05 -3.66 2.00
N THR B 450 14.60 -2.41 1.94
CA THR B 450 14.95 -1.44 2.99
C THR B 450 14.25 -1.82 4.29
N PRO B 451 12.90 -2.06 4.32
CA PRO B 451 12.25 -2.46 5.56
C PRO B 451 12.84 -3.75 6.18
N PHE B 452 13.18 -4.75 5.34
CA PHE B 452 13.79 -6.02 5.80
C PHE B 452 15.15 -5.69 6.44
N ALA B 453 15.95 -4.85 5.78
CA ALA B 453 17.30 -4.49 6.26
C ALA B 453 17.16 -3.83 7.64
N ILE B 454 16.18 -2.96 7.81
CA ILE B 454 15.95 -2.26 9.11
C ILE B 454 15.57 -3.29 10.18
N GLY B 455 14.61 -4.19 9.88
CA GLY B 455 14.21 -5.19 10.87
C GLY B 455 15.37 -6.06 11.27
N ALA B 456 16.13 -6.51 10.27
CA ALA B 456 17.32 -7.37 10.44
C ALA B 456 18.35 -6.66 11.31
N ALA B 457 18.62 -5.38 11.03
CA ALA B 457 19.71 -4.61 11.69
C ALA B 457 19.32 -4.41 13.16
N LEU B 458 18.06 -4.08 13.45
CA LEU B 458 17.65 -3.84 14.84
C LEU B 458 17.65 -5.18 15.59
N ALA B 459 17.41 -6.29 14.91
CA ALA B 459 17.42 -7.62 15.57
C ALA B 459 18.84 -8.03 15.93
N TYR B 460 19.78 -7.74 15.03
CA TYR B 460 21.20 -8.15 15.10
C TYR B 460 22.08 -6.91 15.00
N PRO B 461 22.14 -6.11 16.08
CA PRO B 461 22.78 -4.79 16.03
C PRO B 461 24.31 -4.81 15.88
N ASP B 462 24.96 -5.98 15.90
CA ASP B 462 26.43 -6.05 15.99
C ASP B 462 27.11 -5.86 14.66
N ARG B 463 26.43 -6.18 13.56
CA ARG B 463 27.04 -6.22 12.20
C ARG B 463 26.14 -5.43 11.24
N PRO B 464 26.68 -4.62 10.29
CA PRO B 464 25.86 -4.21 9.15
C PRO B 464 25.19 -5.38 8.38
N VAL B 465 23.99 -5.05 7.98
CA VAL B 465 23.09 -5.76 7.06
C VAL B 465 23.25 -5.11 5.69
N VAL B 466 23.40 -5.93 4.65
CA VAL B 466 23.56 -5.48 3.26
C VAL B 466 22.35 -5.93 2.43
N ALA B 467 21.67 -4.95 1.86
CA ALA B 467 20.50 -5.08 1.00
C ALA B 467 20.93 -4.60 -0.39
N VAL B 468 20.84 -5.46 -1.39
CA VAL B 468 21.08 -5.11 -2.80
C VAL B 468 19.70 -5.08 -3.48
N THR B 469 19.37 -3.98 -4.17
CA THR B 469 18.04 -3.72 -4.72
C THR B 469 18.12 -3.12 -6.14
N GLY B 470 17.17 -3.53 -6.99
CA GLY B 470 16.82 -2.72 -8.17
C GLY B 470 16.34 -1.32 -7.79
N ASP B 471 16.52 -0.37 -8.71
CA ASP B 471 16.01 1.03 -8.59
C ASP B 471 14.46 1.09 -8.55
N GLY B 472 13.79 0.31 -9.39
CA GLY B 472 12.32 0.13 -9.41
C GLY B 472 11.79 -0.26 -8.06
N ALA B 473 12.30 -1.36 -7.53
CA ALA B 473 11.89 -1.87 -6.21
C ALA B 473 12.16 -0.80 -5.14
N PHE B 474 13.32 -0.15 -5.17
CA PHE B 474 13.76 0.80 -4.14
C PHE B 474 12.80 1.98 -4.05
N GLY B 475 12.27 2.48 -5.16
CA GLY B 475 11.37 3.66 -5.14
C GLY B 475 10.10 3.41 -4.34
N ILE B 476 9.75 2.16 -4.11
CA ILE B 476 8.50 1.82 -3.36
C ILE B 476 8.69 2.18 -1.87
N THR B 477 9.89 1.95 -1.31
CA THR B 477 10.15 2.06 0.15
C THR B 477 11.36 2.94 0.45
N ALA B 478 11.84 3.68 -0.51
CA ALA B 478 13.04 4.55 -0.37
C ALA B 478 12.92 5.46 0.87
N THR B 479 11.76 5.98 1.20
CA THR B 479 11.64 6.96 2.31
C THR B 479 11.92 6.28 3.66
N GLU B 480 11.92 4.93 3.72
CA GLU B 480 12.30 4.25 4.97
C GLU B 480 13.80 4.41 5.25
N ILE B 481 14.59 4.95 4.33
CA ILE B 481 15.98 5.40 4.66
C ILE B 481 15.90 6.31 5.89
N ASP B 482 14.89 7.17 5.93
CA ASP B 482 14.67 8.08 7.08
C ASP B 482 14.52 7.26 8.37
N THR B 483 13.71 6.19 8.34
CA THR B 483 13.49 5.31 9.51
C THR B 483 14.84 4.74 9.97
N ALA B 484 15.63 4.21 9.06
CA ALA B 484 16.97 3.64 9.34
C ALA B 484 17.83 4.67 10.06
N VAL B 485 17.83 5.93 9.57
CA VAL B 485 18.64 6.98 10.22
C VAL B 485 18.04 7.31 11.61
N ARG B 486 16.74 7.55 11.75
CA ARG B 486 16.17 8.03 13.03
C ARG B 486 16.34 6.94 14.11
N HIS B 487 16.38 5.66 13.74
CA HIS B 487 16.40 4.54 14.73
C HIS B 487 17.79 3.90 14.75
N ASP B 488 18.72 4.43 13.96
CA ASP B 488 20.13 4.03 13.91
C ASP B 488 20.25 2.54 13.56
N ALA B 489 19.54 2.10 12.52
CA ALA B 489 19.72 0.76 11.94
C ALA B 489 20.89 0.81 10.96
N LYS B 490 21.93 0.08 11.28
CA LYS B 490 23.18 0.00 10.48
C LYS B 490 22.93 -0.84 9.24
N ILE B 491 22.28 -0.24 8.24
CA ILE B 491 22.05 -0.90 6.94
C ILE B 491 22.94 -0.25 5.90
N VAL B 492 23.32 -1.05 4.94
CA VAL B 492 23.93 -0.58 3.70
C VAL B 492 23.01 -1.04 2.58
N VAL B 493 22.44 -0.09 1.85
CA VAL B 493 21.62 -0.37 0.65
C VAL B 493 22.47 -0.11 -0.59
N ILE B 494 22.62 -1.11 -1.45
CA ILE B 494 23.28 -0.94 -2.78
C ILE B 494 22.23 -1.04 -3.89
N VAL B 495 22.07 0.04 -4.65
CA VAL B 495 21.03 0.15 -5.72
C VAL B 495 21.71 -0.14 -7.06
N SER B 496 21.17 -1.10 -7.80
CA SER B 496 21.44 -1.34 -9.23
C SER B 496 20.61 -0.32 -10.04
N ASN B 497 21.18 0.86 -10.27
CA ASN B 497 20.47 2.01 -10.91
C ASN B 497 20.64 1.86 -12.42
N ASN B 498 19.78 1.07 -13.06
CA ASN B 498 19.79 0.82 -14.53
C ASN B 498 18.67 1.64 -15.19
N ARG B 499 18.13 2.65 -14.49
CA ARG B 499 17.18 3.65 -15.12
C ARG B 499 15.98 2.92 -15.73
N ALA B 500 15.53 1.82 -15.13
CA ALA B 500 14.54 0.92 -15.73
C ALA B 500 14.03 -0.11 -14.73
N TRP B 501 12.79 -0.53 -14.99
CA TRP B 501 12.22 -1.83 -14.56
C TRP B 501 12.76 -2.86 -15.57
N ASN B 502 14.05 -3.22 -15.45
CA ASN B 502 14.78 -3.67 -16.64
C ASN B 502 14.37 -5.07 -17.09
N ILE B 503 14.11 -6.00 -16.19
CA ILE B 503 13.65 -7.35 -16.66
C ILE B 503 12.37 -7.21 -17.47
N GLN B 504 11.54 -6.23 -17.15
CA GLN B 504 10.27 -5.92 -17.89
C GLN B 504 10.56 -5.19 -19.20
N ARG B 505 11.45 -4.20 -19.16
CA ARG B 505 11.83 -3.44 -20.35
C ARG B 505 12.38 -4.41 -21.39
N TYR B 506 13.12 -5.40 -20.93
CA TYR B 506 13.83 -6.37 -21.80
C TYR B 506 12.80 -7.31 -22.42
N ASP B 507 11.80 -7.81 -21.69
CA ASP B 507 10.67 -8.61 -22.23
C ASP B 507 9.93 -7.80 -23.32
N GLN B 508 9.70 -6.51 -23.10
CA GLN B 508 8.96 -5.66 -24.05
C GLN B 508 9.80 -5.60 -25.33
N ALA B 509 11.05 -5.16 -25.24
CA ALA B 509 11.98 -4.96 -26.39
C ALA B 509 12.10 -6.26 -27.19
N GLU B 510 12.31 -7.39 -26.53
CA GLU B 510 12.62 -8.69 -27.16
C GLU B 510 11.38 -9.24 -27.82
N ASN B 511 10.28 -9.24 -27.08
CA ASN B 511 9.08 -10.01 -27.46
C ASN B 511 7.95 -9.15 -27.98
N TYR B 512 8.04 -7.82 -28.01
CA TYR B 512 6.95 -6.99 -28.60
C TYR B 512 7.54 -5.94 -29.54
N GLY B 513 8.84 -5.75 -29.55
CA GLY B 513 9.46 -4.64 -30.30
C GLY B 513 8.90 -3.30 -29.86
N LEU B 514 8.35 -3.19 -28.66
CA LEU B 514 7.80 -1.90 -28.18
C LEU B 514 8.08 -1.78 -26.68
N VAL B 515 8.94 -0.83 -26.36
CA VAL B 515 9.30 -0.48 -24.97
C VAL B 515 8.45 0.72 -24.63
N VAL B 516 7.65 0.65 -23.57
CA VAL B 516 6.78 1.80 -23.18
C VAL B 516 6.43 1.63 -21.72
N GLY B 517 6.59 2.69 -20.94
CA GLY B 517 6.20 2.68 -19.52
C GLY B 517 7.02 1.74 -18.68
N THR B 518 8.24 1.35 -19.08
CA THR B 518 9.17 0.54 -18.23
C THR B 518 10.50 1.27 -18.00
N ASP B 519 10.72 2.44 -18.58
CA ASP B 519 11.92 3.28 -18.32
C ASP B 519 11.73 4.10 -17.04
N LEU B 520 12.78 4.23 -16.26
CA LEU B 520 12.85 5.21 -15.14
C LEU B 520 13.90 6.27 -15.53
N ALA B 521 14.41 7.04 -14.59
CA ALA B 521 15.41 8.08 -14.93
C ALA B 521 16.71 7.81 -14.16
N ASP B 522 17.72 8.59 -14.50
CA ASP B 522 19.05 8.51 -13.85
C ASP B 522 18.98 9.28 -12.53
N SER B 523 18.17 8.79 -11.60
CA SER B 523 17.88 9.46 -10.32
C SER B 523 19.13 9.38 -9.41
N ASP B 524 19.30 10.38 -8.57
CA ASP B 524 20.36 10.44 -7.56
C ASP B 524 19.88 9.76 -6.27
N TYR B 525 19.92 8.44 -6.20
CA TYR B 525 19.50 7.71 -4.97
C TYR B 525 20.47 8.01 -3.81
N ALA B 526 21.77 8.25 -4.06
CA ALA B 526 22.74 8.72 -3.02
C ALA B 526 22.21 10.02 -2.39
N GLY B 527 21.73 10.95 -3.22
CA GLY B 527 21.17 12.24 -2.81
C GLY B 527 19.91 12.05 -2.01
N VAL B 528 19.03 11.13 -2.43
CA VAL B 528 17.83 10.81 -1.62
C VAL B 528 18.29 10.36 -0.24
N ALA B 529 19.22 9.40 -0.18
CA ALA B 529 19.75 8.90 1.10
C ALA B 529 20.33 10.05 1.92
N ARG B 530 21.18 10.91 1.34
CA ARG B 530 21.75 12.04 2.11
C ARG B 530 20.65 12.99 2.57
N ALA B 531 19.60 13.19 1.77
CA ALA B 531 18.49 14.12 2.14
C ALA B 531 17.82 13.64 3.44
N PHE B 532 17.85 12.35 3.71
CA PHE B 532 17.30 11.75 4.95
C PHE B 532 18.38 11.42 5.99
N GLY B 533 19.57 11.99 5.83
CA GLY B 533 20.63 12.01 6.85
C GLY B 533 21.48 10.74 6.82
N ALA B 534 21.39 9.93 5.77
CA ALA B 534 22.21 8.71 5.61
C ALA B 534 23.47 9.08 4.86
N HIS B 535 24.52 8.28 4.96
CA HIS B 535 25.73 8.42 4.15
C HIS B 535 25.38 7.96 2.73
N GLY B 536 25.90 8.63 1.71
CA GLY B 536 25.51 8.35 0.33
C GLY B 536 26.65 8.49 -0.63
N GLU B 537 26.76 7.59 -1.60
CA GLU B 537 27.81 7.71 -2.63
C GLU B 537 27.30 7.14 -3.95
N ARG B 538 27.64 7.78 -5.05
CA ARG B 538 27.33 7.27 -6.41
C ARG B 538 28.58 6.65 -7.04
N VAL B 539 28.44 5.55 -7.74
CA VAL B 539 29.53 4.81 -8.41
C VAL B 539 29.16 4.62 -9.89
N THR B 540 30.04 5.05 -10.78
CA THR B 540 29.90 4.87 -12.25
C THR B 540 30.99 3.92 -12.79
N ASP B 541 32.11 3.78 -12.07
CA ASP B 541 33.31 3.03 -12.51
C ASP B 541 33.32 1.77 -11.65
N PRO B 542 33.30 0.57 -12.24
CA PRO B 542 33.20 -0.64 -11.45
C PRO B 542 34.37 -0.79 -10.47
N ALA B 543 35.57 -0.27 -10.80
CA ALA B 543 36.76 -0.32 -9.92
C ALA B 543 36.54 0.48 -8.61
N GLU B 544 35.52 1.35 -8.53
CA GLU B 544 35.22 2.17 -7.33
C GLU B 544 34.33 1.41 -6.36
N LEU B 545 33.79 0.25 -6.76
CA LEU B 545 32.76 -0.45 -5.94
C LEU B 545 33.31 -0.87 -4.58
N GLU B 546 34.51 -1.44 -4.54
CA GLU B 546 35.06 -1.99 -3.25
C GLU B 546 35.20 -0.84 -2.25
N GLY B 547 35.78 0.28 -2.70
CA GLY B 547 35.97 1.49 -1.88
C GLY B 547 34.67 2.06 -1.38
N ALA B 548 33.71 2.19 -2.28
CA ALA B 548 32.39 2.76 -1.96
C ALA B 548 31.69 1.87 -0.94
N ILE B 549 31.79 0.55 -1.11
CA ILE B 549 31.09 -0.40 -0.19
C ILE B 549 31.82 -0.35 1.17
N ARG B 550 33.17 -0.29 1.17
CA ARG B 550 33.97 -0.13 2.40
C ARG B 550 33.46 1.12 3.13
N ARG B 551 33.40 2.27 2.48
CA ARG B 551 32.99 3.53 3.15
C ARG B 551 31.55 3.43 3.65
N ALA B 552 30.67 2.76 2.91
CA ALA B 552 29.24 2.61 3.29
C ALA B 552 29.16 1.77 4.58
N LEU B 553 29.93 0.70 4.65
CA LEU B 553 29.96 -0.18 5.84
C LEU B 553 30.46 0.57 7.07
N ALA B 554 31.48 1.43 6.92
CA ALA B 554 32.06 2.22 8.03
C ALA B 554 31.11 3.34 8.48
N ASN B 555 30.09 3.68 7.69
CA ASN B 555 29.24 4.88 7.91
C ASN B 555 27.77 4.52 7.80
N ALA B 556 27.40 3.27 8.09
CA ALA B 556 25.98 2.84 8.08
C ALA B 556 25.19 3.61 9.13
N PRO B 557 23.93 4.00 8.90
CA PRO B 557 23.20 3.68 7.65
C PRO B 557 23.67 4.48 6.42
N ALA B 558 23.78 3.75 5.30
CA ALA B 558 24.49 4.24 4.09
C ALA B 558 23.88 3.62 2.84
N LEU B 559 23.91 4.35 1.72
CA LEU B 559 23.44 3.89 0.41
C LEU B 559 24.56 4.11 -0.63
N VAL B 560 24.78 3.12 -1.47
CA VAL B 560 25.66 3.16 -2.65
C VAL B 560 24.78 3.03 -3.89
N ASP B 561 24.75 4.07 -4.71
CA ASP B 561 23.94 4.20 -5.92
C ASP B 561 24.83 3.83 -7.10
N VAL B 562 24.65 2.63 -7.65
CA VAL B 562 25.53 2.11 -8.72
C VAL B 562 24.85 2.28 -10.07
N VAL B 563 25.48 3.05 -10.94
CA VAL B 563 24.95 3.28 -12.31
C VAL B 563 25.21 2.02 -13.13
N THR B 564 24.17 1.21 -13.35
CA THR B 564 24.29 -0.13 -13.97
C THR B 564 23.75 -0.12 -15.38
N THR B 565 24.19 -1.13 -16.13
CA THR B 565 23.82 -1.37 -17.55
C THR B 565 22.36 -1.84 -17.62
N GLN B 566 21.71 -1.48 -18.71
CA GLN B 566 20.49 -2.17 -19.23
C GLN B 566 20.88 -3.37 -20.09
N ASP B 567 22.14 -3.57 -20.52
CA ASP B 567 22.53 -4.70 -21.43
C ASP B 567 23.06 -5.83 -20.57
N ALA B 568 22.18 -6.57 -19.93
CA ALA B 568 22.50 -7.67 -18.98
C ALA B 568 21.21 -8.44 -18.69
N ALA B 569 21.08 -9.65 -19.17
CA ALA B 569 19.90 -10.52 -18.97
C ALA B 569 20.23 -11.49 -17.82
N SER B 570 19.46 -11.43 -16.73
CA SER B 570 19.57 -12.40 -15.62
C SER B 570 19.13 -13.78 -16.11
N PRO B 571 19.43 -14.86 -15.35
CA PRO B 571 18.82 -16.15 -15.62
C PRO B 571 17.26 -16.12 -15.70
N ASP B 572 16.61 -15.37 -14.81
CA ASP B 572 15.12 -15.27 -14.81
C ASP B 572 14.62 -14.68 -16.15
N SER B 573 15.33 -13.68 -16.65
CA SER B 573 15.05 -12.98 -17.93
C SER B 573 15.11 -14.01 -19.05
N GLY B 574 16.21 -14.74 -19.17
CA GLY B 574 16.46 -15.69 -20.28
C GLY B 574 15.41 -16.80 -20.25
N LYS B 575 14.82 -17.09 -19.09
CA LYS B 575 13.86 -18.26 -18.96
C LYS B 575 12.39 -17.85 -19.05
N GLY B 576 12.07 -16.63 -19.48
CA GLY B 576 10.68 -16.21 -19.75
C GLY B 576 9.84 -15.92 -18.50
N LEU B 577 10.46 -15.65 -17.34
CA LEU B 577 9.70 -15.29 -16.11
C LEU B 577 8.67 -14.20 -16.46
N GLY B 578 9.07 -13.20 -17.23
CA GLY B 578 8.24 -12.03 -17.57
C GLY B 578 7.08 -12.36 -18.50
N PHE B 579 7.10 -13.49 -19.20
CA PHE B 579 6.05 -13.87 -20.18
C PHE B 579 4.79 -14.47 -19.53
N VAL B 580 4.92 -15.11 -18.37
CA VAL B 580 3.81 -15.80 -17.66
C VAL B 580 3.23 -16.89 -18.57
N PRO B 581 3.92 -18.02 -18.80
CA PRO B 581 3.34 -19.13 -19.56
C PRO B 581 2.08 -19.74 -18.90
N ASP B 582 1.36 -20.55 -19.66
CA ASP B 582 0.09 -21.16 -19.25
C ASP B 582 0.23 -22.03 -17.98
N TYR B 583 1.30 -22.84 -17.87
CA TYR B 583 1.32 -23.99 -16.90
C TYR B 583 2.39 -23.90 -15.83
N GLN B 584 3.49 -23.22 -16.12
CA GLN B 584 4.71 -23.11 -15.28
C GLN B 584 5.17 -21.66 -15.34
N ALA B 585 5.98 -21.22 -14.38
CA ALA B 585 6.47 -19.82 -14.30
C ALA B 585 7.53 -19.54 -15.38
N LEU B 586 8.24 -20.57 -15.85
CA LEU B 586 9.43 -20.45 -16.76
C LEU B 586 9.12 -21.23 -18.03
N THR B 587 9.55 -20.71 -19.17
CA THR B 587 9.45 -21.34 -20.53
C THR B 587 9.96 -22.77 -20.55
N PRO B 588 11.20 -23.10 -20.09
CA PRO B 588 11.71 -24.46 -20.23
C PRO B 588 10.78 -25.47 -19.53
N TRP B 589 10.39 -25.15 -18.30
CA TRP B 589 9.43 -25.99 -17.52
C TRP B 589 8.09 -26.03 -18.24
N ASN B 590 7.62 -24.91 -18.75
CA ASN B 590 6.33 -24.90 -19.49
C ASN B 590 6.41 -25.83 -20.72
N ASP B 591 7.52 -25.77 -21.48
CA ASP B 591 7.73 -26.65 -22.66
C ASP B 591 7.63 -28.11 -22.20
N ALA B 592 8.27 -28.44 -21.08
CA ALA B 592 8.26 -29.83 -20.56
C ALA B 592 6.82 -30.21 -20.15
N GLU B 593 6.06 -29.26 -19.55
CA GLU B 593 4.64 -29.48 -19.15
C GLU B 593 3.76 -29.70 -20.39
N VAL B 594 3.93 -28.92 -21.45
CA VAL B 594 3.17 -29.11 -22.72
C VAL B 594 3.43 -30.52 -23.27
N ALA B 595 4.66 -31.02 -23.27
CA ALA B 595 5.05 -32.37 -23.77
C ALA B 595 4.41 -33.43 -22.86
N ARG B 596 4.46 -33.26 -21.55
CA ARG B 596 3.79 -34.19 -20.61
C ARG B 596 2.28 -34.27 -20.91
N ARG B 597 1.64 -33.14 -21.17
CA ARG B 597 0.19 -33.07 -21.45
C ARG B 597 -0.16 -33.71 -22.79
N GLN B 598 0.75 -33.96 -23.73
CA GLN B 598 0.47 -34.78 -24.95
C GLN B 598 1.47 -35.93 -25.14
C2A TPW C . -1.76 6.40 6.33
C35 TPW C . -3.28 9.10 11.13
C2 TPW C . -3.74 11.53 10.80
S1 TPW C . -2.99 13.10 10.85
C5 TPW C . -1.47 12.41 11.15
C4 TPW C . -1.55 11.04 11.25
C4A TPW C . -0.37 10.17 11.55
C5A TPW C . -0.26 13.32 11.19
C5B TPW C . 0.11 13.89 9.84
O5G TPW C . 1.37 14.59 9.95
P1 TPW C . 1.79 15.67 8.78
O11 TPW C . 0.95 16.96 9.22
O12 TPW C . 1.33 15.17 7.44
O13 TPW C . 3.23 15.74 8.98
P2 TPW C . 1.21 17.95 10.44
O21 TPW C . 2.57 17.73 10.91
O22 TPW C . 1.03 19.34 9.81
O23 TPW C . 0.20 17.55 11.51
N1' TPW C . -1.52 6.78 8.73
C2' TPW C . -2.20 7.07 7.60
N3' TPW C . -3.21 7.93 7.51
C4' TPW C . -3.60 8.56 8.65
N4' TPW C . -4.74 9.27 8.56
C5' TPW C . -2.92 8.35 9.87
C6' TPW C . -1.90 7.44 9.82
C3 TPW C . -2.86 10.54 11.05
H2A1 TPW C . -2.36 6.70 5.48
H2A2 TPW C . -1.84 5.32 6.42
H2A3 TPW C . -0.72 6.63 6.10
H351 TPW C . -2.82 8.62 12.00
H352 TPW C . -4.35 9.02 11.34
H2 TPW C . -4.78 11.47 10.54
H5A1 TPW C . 0.58 12.78 11.62
H5A2 TPW C . -0.45 14.13 11.89
H4A1 TPW C . 0.56 10.72 11.61
H4A2 TPW C . -0.26 9.41 10.78
H4A3 TPW C . -0.48 9.66 12.50
H5B1 TPW C . -0.64 14.60 9.49
H5B2 TPW C . 0.19 13.11 9.08
H12 TPW C . 0.57 15.62 6.95
H21 TPW C . 3.25 18.46 10.76
H23 TPW C . -0.54 18.21 11.76
H6' TPW C . -1.32 7.19 10.72
H4'1 TPW C . -5.42 9.25 9.31
H4'2 TPW C . -4.96 9.85 7.76
C4 3KK D . -7.76 10.42 14.22
C3 3KK D . -6.45 10.61 13.44
C2 3KK D . -5.79 11.93 13.92
O3 3KK D . -5.55 9.50 13.76
C1 3KK D . -6.77 10.64 11.91
O1 3KK D . -6.68 9.69 11.15
S1P 3KK D . -7.36 12.22 11.33
C2P 3KK D . -7.24 12.02 9.52
C3P 3KK D . -6.65 13.26 8.78
N4P 3KK D . -7.50 14.43 9.01
C5P 3KK D . -8.68 14.59 8.35
O5P 3KK D . -9.00 13.90 7.35
C6P 3KK D . -9.61 15.66 8.86
C7P 3KK D . -10.97 15.10 9.29
N8P 3KK D . -11.78 16.13 9.95
C9P 3KK D . -12.51 16.99 9.25
O9P 3KK D . -12.74 16.84 8.04
CAP 3KK D . -13.10 18.15 10.05
OAP 3KK D . -12.59 18.17 11.41
CBP 3KK D . -14.64 18.16 10.16
CDP 3KK D . -15.09 16.99 11.03
CEP 3KK D . -15.28 18.08 8.76
CCP 3KK D . -15.06 19.45 10.82
O6A 3KK D . -14.71 20.56 9.92
P2A 3KK D . -15.50 21.94 10.15
O4A 3KK D . -15.11 22.44 11.50
O5A 3KK D . -16.98 21.80 9.83
O3A 3KK D . -14.87 22.78 8.92
P1A 3KK D . -13.55 23.62 8.68
O1A 3KK D . -13.62 23.99 7.23
O2A 3KK D . -12.35 22.95 9.26
O5B 3KK D . -13.94 24.90 9.60
C5B 3KK D . -13.27 25.12 10.86
C4B 3KK D . -13.67 26.46 11.45
O4B 3KK D . -13.09 27.58 10.67
C3B 3KK D . -15.17 26.74 11.49
O3B 3KK D . -15.40 27.49 12.66
P3B 3KK D . -16.77 27.43 13.53
O8A 3KK D . -16.99 25.96 13.88
O7A 3KK D . -16.31 28.32 14.67
O9A 3KK D . -17.97 28.07 12.76
C2B 3KK D . -15.40 27.58 10.23
O2B 3KK D . -16.60 28.32 10.28
C1B 3KK D . -14.12 28.43 10.21
N9A 3KK D . -13.76 28.96 8.89
C8A 3KK D . -13.85 28.32 7.66
N7A 3KK D . -13.43 29.04 6.65
C5A 3KK D . -13.00 30.23 7.24
C4A 3KK D . -13.18 30.18 8.62
N3A 3KK D . -12.85 31.14 9.51
C2A 3KK D . -12.34 32.20 8.89
N1A 3KK D . -12.10 32.38 7.57
C6A 3KK D . -12.43 31.41 6.70
N6A 3KK D . -12.19 31.60 5.39
H1 3KK D . -8.50 10.37 13.59
H2 3KK D . -7.90 11.16 14.82
H3 3KK D . -7.71 9.59 14.73
H4 3KK D . -5.46 11.81 14.82
H5 3KK D . -6.45 12.64 13.89
H6 3KK D . -5.04 12.13 13.33
H7 3KK D . -5.37 9.07 13.04
H8 3KK D . -8.13 11.84 9.16
H9 3KK D . -6.68 11.24 9.31
H10 3KK D . -6.60 13.08 7.82
H11 3KK D . -5.75 13.45 9.12
H12 3KK D . -7.25 15.03 9.58
H13 3KK D . -9.74 16.32 8.16
H14 3KK D . -9.19 16.12 9.61
H15 3KK D . -10.83 14.36 9.91
H16 3KK D . -11.45 14.76 8.50
H17 3KK D . -11.77 16.17 10.81
H18 3KK D . -12.84 18.99 9.61
H19 3KK D . -13.26 18.21 11.92
H20 3KK D . -15.39 17.32 11.89
H21 3KK D . -14.35 16.37 11.16
H22 3KK D . -15.83 16.53 10.59
H23 3KK D . -16.18 18.43 8.80
H24 3KK D . -15.30 17.15 8.46
H25 3KK D . -14.75 18.60 8.13
H26 3KK D . -14.60 19.56 11.67
H27 3KK D . -16.02 19.44 10.97
H30 3KK D . -12.28 25.11 10.72
H31 3KK D . -13.50 24.41 11.50
H32 3KK D . -13.32 26.51 12.36
H33 3KK D . -15.70 25.91 11.49
H36 3KK D . -15.43 26.98 9.45
H37 3KK D . -16.69 28.75 9.55
H38 3KK D . -14.24 29.18 10.83
H39 3KK D . -14.22 27.46 7.56
H40 3KK D . -12.09 32.92 9.44
H41 3KK D . -11.81 32.35 5.12
H42 3KK D . -12.40 30.99 4.81
MG MG E . 4.26 17.27 9.97
MG MG F . 1.45 1.09 -0.17
MG MG G . -18.61 -5.25 -3.21
C2A TPW H . 4.77 -4.19 -6.58
C35 TPW H . 6.32 -6.73 -11.42
C2 TPW H . 8.61 -7.83 -11.35
S1 TPW H . 10.27 -7.52 -11.69
C5 TPW H . 9.94 -5.92 -12.17
C4 TPW H . 8.61 -5.63 -12.06
C4A TPW H . 7.99 -4.30 -12.40
C5A TPW H . 11.10 -5.04 -12.49
C5B TPW H . 11.82 -4.58 -11.25
O5G TPW H . 12.72 -3.51 -11.63
P1 TPW H . 14.04 -3.20 -10.75
O11 TPW H . 14.93 -4.42 -11.25
O12 TPW H . 13.76 -3.33 -9.30
O13 TPW H . 14.44 -1.89 -11.21
P2 TPW H . 15.82 -4.55 -12.57
O21 TPW H . 15.15 -5.64 -13.36
O22 TPW H . 15.97 -3.19 -13.38
O23 TPW H . 17.20 -5.05 -12.04
N1' TPW H . 4.83 -4.22 -8.99
C2' TPW H . 5.15 -4.84 -7.85
N3' TPW H . 5.75 -6.00 -7.75
C4' TPW H . 6.07 -6.65 -8.87
N4' TPW H . 6.54 -7.89 -8.72
C5' TPW H . 5.81 -6.08 -10.15
C6' TPW H . 5.15 -4.89 -10.12
C3 TPW H . 7.82 -6.76 -11.58
H2A1 TPW H . 5.09 -4.76 -5.71
H2A2 TPW H . 3.70 -4.07 -6.50
H2A3 TPW H . 5.21 -3.19 -6.49
H351 TPW H . 5.88 -6.24 -12.29
H352 TPW H . 5.92 -7.75 -11.50
H2 TPW H . 8.34 -8.81 -10.96
H5A1 TPW H . 10.76 -4.19 -13.06
H5A2 TPW H . 11.79 -5.56 -13.14
H4A1 TPW H . 8.71 -3.58 -12.77
H4A2 TPW H . 7.50 -3.87 -11.53
H4A3 TPW H . 7.25 -4.40 -13.18
H5B1 TPW H . 12.41 -5.39 -10.81
H5B2 TPW H . 11.13 -4.23 -10.49
H12 TPW H . 14.10 -4.09 -8.74
H21 TPW H . 14.80 -5.42 -14.29
H23 TPW H . 18.01 -4.49 -12.14
H6' TPW H . 4.83 -4.39 -11.05
H4'1 TPW H . 6.34 -8.62 -9.38
H4'2 TPW H . 7.11 -8.14 -7.91
C4 3KK I . 6.00 -11.94 -13.79
C3 3KK I . 6.65 -10.63 -13.34
C2 3KK I . 7.94 -10.40 -14.12
O3 3KK I . 5.74 -9.52 -13.65
C1 3KK I . 6.90 -10.71 -11.80
O1 3KK I . 6.11 -10.25 -10.98
S1P 3KK I . 8.43 -11.52 -11.30
C2P 3KK I . 8.50 -11.13 -9.51
C3P 3KK I . 9.98 -10.82 -9.17
N4P 3KK I . 10.80 -12.02 -9.31
C5P 3KK I . 10.67 -13.05 -8.45
O5P 3KK I . 10.00 -13.02 -7.40
C6P 3KK I . 11.44 -14.32 -8.81
C7P 3KK I . 10.52 -15.39 -9.28
N8P 3KK I . 11.29 -16.49 -9.82
C9P 3KK I . 12.04 -17.32 -9.09
O9P 3KK I . 12.05 -17.30 -7.85
CAP 3KK I . 12.90 -18.29 -9.91
OAP 3KK I . 12.84 -17.96 -11.34
CBP 3KK I . 12.58 -19.77 -9.77
CDP 3KK I . 11.18 -20.02 -10.32
CEP 3KK I . 12.65 -20.15 -8.29
CCP 3KK I . 13.58 -20.62 -10.54
O6A 3KK I . 14.88 -20.50 -9.92
P2A 3KK I . 16.04 -21.58 -10.25
O4A 3KK I . 15.70 -22.96 -9.76
O5A 3KK I . 16.43 -21.41 -11.66
O3A 3KK I . 17.13 -21.00 -9.21
P1A 3KK I . 18.33 -19.95 -9.24
O1A 3KK I . 18.86 -19.92 -7.84
O2A 3KK I . 17.80 -18.69 -9.91
O5B 3KK I . 19.37 -20.60 -10.23
C5B 3KK I . 19.40 -20.28 -11.64
C4B 3KK I . 20.47 -21.08 -12.34
O4B 3KK I . 21.80 -20.72 -11.85
C3B 3KK I . 20.39 -22.62 -12.24
O3B 3KK I . 20.97 -23.13 -13.42
P3B 3KK I . 20.45 -24.52 -14.03
O8A 3KK I . 21.24 -24.65 -15.33
O7A 3KK I . 20.87 -25.62 -13.08
O9A 3KK I . 19.04 -24.50 -14.17
C2B 3KK I . 21.33 -22.92 -11.04
O2B 3KK I . 21.72 -24.27 -11.08
C1B 3KK I . 22.43 -21.88 -11.33
N9A 3KK I . 23.23 -21.48 -10.18
C8A 3KK I . 22.86 -21.26 -8.88
N7A 3KK I . 23.84 -20.88 -8.12
C5A 3KK I . 24.94 -20.81 -8.96
C4A 3KK I . 24.57 -21.19 -10.24
N3A 3KK I . 25.39 -21.26 -11.33
C2A 3KK I . 26.64 -20.90 -11.01
N1A 3KK I . 27.14 -20.51 -9.82
C6A 3KK I . 26.30 -20.48 -8.75
N6A 3KK I . 26.79 -20.10 -7.58
H1 3KK I . 5.67 -12.42 -13.01
H2 3KK I . 6.65 -12.49 -14.26
H3 3KK I . 5.26 -11.74 -14.40
H4 3KK I . 7.72 -10.14 -15.03
H5 3KK I . 8.47 -11.22 -14.15
H6 3KK I . 8.46 -9.70 -13.69
H7 3KK I . 5.52 -9.12 -12.92
H8 3KK I . 8.18 -11.89 -8.99
H9 3KK I . 7.94 -10.36 -9.31
H10 3KK I . 10.04 -10.48 -8.26
H11 3KK I . 10.31 -10.14 -9.78
H12 3KK I . 11.39 -12.06 -9.94
H13 3KK I . 11.92 -14.63 -8.03
H14 3KK I . 12.08 -14.11 -9.51
H15 3KK I . 9.92 -15.04 -9.96
H16 3KK I . 9.98 -15.71 -8.52
H17 3KK I . 11.27 -16.61 -10.68
H18 3KK I . 13.83 -18.17 -9.60
H19 3KK I . 12.61 -18.67 -11.80
H20 3KK I . 11.18 -20.79 -10.92
H21 3KK I . 10.87 -19.24 -10.82
H22 3KK I . 10.55 -20.19 -9.59
H23 3KK I . 12.76 -21.11 -8.21
H24 3KK I . 11.83 -19.87 -7.83
H25 3KK I . 13.42 -19.70 -7.87
H26 3KK I . 13.64 -20.32 -11.47
H27 3KK I . 13.30 -21.55 -10.54
H30 3KK I . 19.56 -19.31 -11.76
H31 3KK I . 18.52 -20.48 -12.04
H32 3KK I . 20.42 -20.84 -13.30
H33 3KK I . 19.47 -22.94 -12.09
H36 3KK I . 20.87 -22.72 -10.18
H37 3KK I . 22.25 -24.43 -10.40
H38 3KK I . 23.04 -22.26 -12.01
H39 3KK I . 21.96 -21.38 -8.58
H40 3KK I . 27.26 -20.92 -11.72
H41 3KK I . 27.61 -19.82 -7.52
H42 3KK I . 26.28 -20.15 -6.86
MG MG J . 15.96 -1.34 -12.43
#